data_1EL7
#
_entry.id   1EL7
#
_cell.length_a   72.722
_cell.length_b   69.504
_cell.length_c   73.465
_cell.angle_alpha   90.00
_cell.angle_beta   94.12
_cell.angle_gamma   90.00
#
_symmetry.space_group_name_H-M   'P 1 21 1'
#
loop_
_entity.id
_entity.type
_entity.pdbx_description
1 polymer 'SARCOSINE OXIDASE'
2 non-polymer 'PHOSPHATE ION'
3 non-polymer 'CHLORIDE ION'
4 non-polymer 'FLAVIN-ADENINE DINUCLEOTIDE'
5 non-polymer [METHYLTELLURO]ACETATE
6 non-polymer TELLURIUM
7 water water
#
_entity_poly.entity_id   1
_entity_poly.type   'polypeptide(L)'
_entity_poly.pdbx_seq_one_letter_code
;STHFDVIVVGAGSMGMAAGYQLAKQGVKTLLVDAFDPPHTNGSHHGDTRIIRHAYGEGREYVPLALRSQELWYELEKETH
HKIFTKTGVLVFGPKGESAFVAETMEAAKEHSLTVDLLEGDEINKRWPGITVPENYNAIFEPNSGVLFSENCIRAYRELA
EARGAKVLTHTRVEDFDISPDSVKIETANGSYTADKLIVSMGAWNSKLLSKLNLDIPLQPYRQVVGFFESDESKYSNDID
FPGFMVEVPNGIYYGFPSFGGCGLKLGYHTFGQKIDPDTINREFGVYPEDESNLRAFLEEYMPGANGELKRGAVCMYTKT
LDEHFIIDLHPEHSNVVIAAGFSGHGFKFSSGVGEVLSQLALTGKTEHDISIFSINRPALKESLQKTTI
;
_entity_poly.pdbx_strand_id   A,B
#
loop_
_chem_comp.id
_chem_comp.type
_chem_comp.name
_chem_comp.formula
CL non-polymer 'CHLORIDE ION' 'Cl -1'
FAD non-polymer 'FLAVIN-ADENINE DINUCLEOTIDE' 'C27 H33 N9 O15 P2'
MTD non-polymer [METHYLTELLURO]ACETATE 'C3 H5 O2 Te -1'
PO4 non-polymer 'PHOSPHATE ION' 'O4 P -3'
TE non-polymer TELLURIUM Te
#
# COMPACT_ATOMS: atom_id res chain seq x y z
N SER A 1 6.66 36.86 -38.85
CA SER A 1 7.53 36.85 -40.06
C SER A 1 8.40 35.61 -40.12
N THR A 2 8.35 34.78 -39.07
CA THR A 2 9.16 33.59 -39.08
C THR A 2 8.43 32.27 -38.86
N HIS A 3 8.45 31.50 -39.94
CA HIS A 3 7.90 30.16 -40.08
C HIS A 3 9.03 29.22 -39.62
N PHE A 4 8.64 28.06 -39.08
CA PHE A 4 9.62 27.08 -38.63
C PHE A 4 9.24 25.74 -39.24
N ASP A 5 10.16 24.78 -39.23
CA ASP A 5 9.86 23.45 -39.73
C ASP A 5 8.98 22.76 -38.67
N VAL A 6 9.42 22.87 -37.43
CA VAL A 6 8.73 22.26 -36.31
C VAL A 6 8.67 23.20 -35.10
N ILE A 7 7.54 23.17 -34.42
CA ILE A 7 7.36 23.95 -33.20
C ILE A 7 7.08 22.97 -32.08
N VAL A 8 7.83 23.10 -30.98
CA VAL A 8 7.65 22.26 -29.81
C VAL A 8 7.04 23.16 -28.72
N VAL A 9 5.85 22.80 -28.23
CA VAL A 9 5.22 23.59 -27.17
C VAL A 9 5.44 22.84 -25.86
N GLY A 10 6.25 23.43 -24.98
CA GLY A 10 6.56 22.79 -23.71
C GLY A 10 7.95 22.21 -23.89
N ALA A 11 8.96 22.99 -23.51
CA ALA A 11 10.34 22.59 -23.67
C ALA A 11 10.91 21.98 -22.39
N GLY A 12 10.23 20.99 -21.85
CA GLY A 12 10.71 20.35 -20.65
C GLY A 12 11.45 19.06 -20.95
N SER A 13 11.22 18.05 -20.13
CA SER A 13 11.87 16.76 -20.27
C SER A 13 11.74 16.20 -21.68
N MET A 14 10.52 16.07 -22.16
CA MET A 14 10.29 15.51 -23.48
C MET A 14 10.54 16.50 -24.60
N GLY A 15 10.04 17.72 -24.45
CA GLY A 15 10.23 18.73 -25.48
C GLY A 15 11.67 19.11 -25.83
N MET A 16 12.50 19.29 -24.81
CA MET A 16 13.88 19.69 -25.06
C MET A 16 14.65 18.55 -25.71
N ALA A 17 14.34 17.33 -25.33
CA ALA A 17 15.00 16.17 -25.95
C ALA A 17 14.62 16.15 -27.43
N ALA A 18 13.34 16.37 -27.71
CA ALA A 18 12.88 16.39 -29.11
C ALA A 18 13.58 17.51 -29.86
N GLY A 19 13.68 18.68 -29.22
CA GLY A 19 14.32 19.83 -29.82
C GLY A 19 15.74 19.50 -30.23
N TYR A 20 16.46 18.81 -29.34
CA TYR A 20 17.83 18.40 -29.59
C TYR A 20 17.91 17.47 -30.80
N GLN A 21 17.05 16.45 -30.81
CA GLN A 21 17.02 15.49 -31.90
C GLN A 21 16.72 16.16 -33.24
N LEU A 22 15.79 17.11 -33.23
CA LEU A 22 15.43 17.82 -34.46
C LEU A 22 16.57 18.74 -34.94
N ALA A 23 17.08 19.56 -34.02
CA ALA A 23 18.14 20.48 -34.34
C ALA A 23 19.38 19.77 -34.88
N LYS A 24 19.69 18.61 -34.31
CA LYS A 24 20.85 17.85 -34.73
C LYS A 24 20.75 17.45 -36.19
N GLN A 25 19.52 17.35 -36.71
CA GLN A 25 19.29 16.98 -38.09
C GLN A 25 19.09 18.17 -39.02
N GLY A 26 19.39 19.37 -38.55
CA GLY A 26 19.21 20.55 -39.38
C GLY A 26 17.78 21.02 -39.55
N VAL A 27 16.87 20.49 -38.73
CA VAL A 27 15.45 20.88 -38.80
C VAL A 27 15.28 22.21 -38.07
N LYS A 28 14.76 23.23 -38.75
CA LYS A 28 14.57 24.55 -38.13
C LYS A 28 13.47 24.43 -37.10
N THR A 29 13.86 24.54 -35.83
CA THR A 29 12.96 24.33 -34.72
C THR A 29 12.77 25.51 -33.76
N LEU A 30 11.55 25.64 -33.26
CA LEU A 30 11.19 26.64 -32.28
C LEU A 30 10.61 25.92 -31.06
N LEU A 31 11.21 26.16 -29.89
CA LEU A 31 10.72 25.55 -28.66
C LEU A 31 10.11 26.67 -27.83
N VAL A 32 8.87 26.50 -27.39
CA VAL A 32 8.22 27.53 -26.59
C VAL A 32 7.89 27.01 -25.20
N ASP A 33 8.31 27.73 -24.18
CA ASP A 33 8.06 27.33 -22.81
C ASP A 33 7.50 28.46 -21.95
N ALA A 34 6.61 28.08 -21.04
CA ALA A 34 5.95 29.04 -20.13
C ALA A 34 6.96 29.64 -19.16
N PHE A 35 8.05 28.93 -18.95
CA PHE A 35 9.09 29.39 -18.03
C PHE A 35 10.45 29.34 -18.73
N ASP A 36 11.53 29.10 -17.99
CA ASP A 36 12.87 29.07 -18.57
C ASP A 36 13.53 27.77 -18.14
N PRO A 37 13.38 26.69 -18.93
CA PRO A 37 13.94 25.37 -18.62
C PRO A 37 15.46 25.23 -18.58
N PRO A 38 15.97 24.46 -17.60
CA PRO A 38 15.19 23.74 -16.58
C PRO A 38 14.71 24.69 -15.48
N HIS A 39 13.54 24.41 -14.92
CA HIS A 39 13.00 25.27 -13.87
C HIS A 39 12.34 24.43 -12.77
N THR A 40 11.74 25.08 -11.78
CA THR A 40 11.13 24.34 -10.68
C THR A 40 9.60 24.39 -10.65
N ASN A 41 8.98 24.70 -11.78
CA ASN A 41 7.53 24.77 -11.82
C ASN A 41 6.87 23.58 -12.51
N GLY A 42 7.69 22.71 -13.08
CA GLY A 42 7.17 21.56 -13.79
C GLY A 42 7.38 20.24 -13.07
N SER A 43 7.79 19.23 -13.85
CA SER A 43 8.01 17.90 -13.33
C SER A 43 9.45 17.41 -13.39
N HIS A 44 10.39 18.29 -13.70
CA HIS A 44 11.77 17.83 -13.83
C HIS A 44 12.82 18.26 -12.83
N HIS A 45 12.41 18.98 -11.78
CA HIS A 45 13.41 19.42 -10.82
C HIS A 45 13.58 18.47 -9.64
N GLY A 46 14.37 18.88 -8.67
CA GLY A 46 14.65 18.00 -7.54
C GLY A 46 16.00 17.33 -7.78
N ASP A 47 16.74 17.84 -8.76
CA ASP A 47 18.08 17.37 -9.11
C ASP A 47 18.23 15.99 -9.76
N THR A 48 17.69 14.96 -9.13
CA THR A 48 17.89 13.60 -9.60
C THR A 48 16.69 12.77 -9.99
N ARG A 49 16.95 11.82 -10.87
CA ARG A 49 15.93 10.93 -11.37
C ARG A 49 16.51 9.52 -11.54
N ILE A 50 15.76 8.52 -11.12
CA ILE A 50 16.20 7.14 -11.26
C ILE A 50 15.95 6.64 -12.68
N ILE A 51 16.89 5.85 -13.22
CA ILE A 51 16.64 5.19 -14.49
C ILE A 51 16.82 3.72 -14.15
N ARG A 52 15.84 2.91 -14.52
CA ARG A 52 15.87 1.47 -14.29
C ARG A 52 15.74 0.82 -15.66
N HIS A 53 16.19 -0.42 -15.81
CA HIS A 53 16.05 -1.10 -17.08
C HIS A 53 14.99 -2.19 -16.92
N ALA A 54 15.19 -3.08 -15.93
CA ALA A 54 14.23 -4.15 -15.64
C ALA A 54 13.10 -3.31 -15.09
N TYR A 55 11.95 -3.32 -15.78
CA TYR A 55 10.86 -2.45 -15.44
C TYR A 55 9.59 -3.05 -14.82
N GLY A 56 9.39 -2.77 -13.53
CA GLY A 56 8.24 -3.25 -12.80
C GLY A 56 6.89 -2.78 -13.33
N GLU A 57 6.85 -1.63 -13.97
CA GLU A 57 5.59 -1.12 -14.52
C GLU A 57 5.19 -1.94 -15.74
N GLY A 58 6.14 -2.69 -16.29
CA GLY A 58 5.85 -3.50 -17.45
C GLY A 58 7.11 -3.79 -18.24
N ARG A 59 7.32 -5.07 -18.54
CA ARG A 59 8.49 -5.49 -19.31
C ARG A 59 8.55 -4.83 -20.70
N GLU A 60 7.39 -4.42 -21.23
CA GLU A 60 7.34 -3.82 -22.55
C GLU A 60 8.11 -2.48 -22.66
N TYR A 61 8.49 -1.91 -21.52
CA TYR A 61 9.25 -0.64 -21.49
C TYR A 61 10.75 -0.87 -21.62
N VAL A 62 11.20 -2.11 -21.43
CA VAL A 62 12.64 -2.39 -21.48
C VAL A 62 13.39 -1.84 -22.69
N PRO A 63 12.91 -2.11 -23.91
CA PRO A 63 13.63 -1.60 -25.10
C PRO A 63 13.85 -0.08 -25.05
N LEU A 64 12.82 0.68 -24.71
CA LEU A 64 12.95 2.14 -24.66
C LEU A 64 13.90 2.54 -23.52
N ALA A 65 13.88 1.78 -22.42
CA ALA A 65 14.78 2.10 -21.31
C ALA A 65 16.23 1.91 -21.73
N LEU A 66 16.50 0.80 -22.43
CA LEU A 66 17.85 0.50 -22.88
C LEU A 66 18.34 1.51 -23.91
N ARG A 67 17.46 1.89 -24.84
CA ARG A 67 17.84 2.89 -25.84
C ARG A 67 18.10 4.21 -25.13
N SER A 68 17.26 4.55 -24.15
CA SER A 68 17.42 5.81 -23.44
C SER A 68 18.75 5.82 -22.69
N GLN A 69 19.08 4.69 -22.07
CA GLN A 69 20.35 4.60 -21.34
C GLN A 69 21.51 4.89 -22.31
N GLU A 70 21.44 4.32 -23.50
CA GLU A 70 22.49 4.52 -24.50
C GLU A 70 22.57 6.02 -24.85
N LEU A 71 21.42 6.68 -25.01
CA LEU A 71 21.40 8.11 -25.34
C LEU A 71 21.93 8.94 -24.17
N TRP A 72 21.70 8.50 -22.94
CA TRP A 72 22.21 9.27 -21.81
C TRP A 72 23.73 9.17 -21.82
N TYR A 73 24.25 7.99 -22.12
CA TYR A 73 25.70 7.85 -22.21
C TYR A 73 26.25 8.74 -23.33
N GLU A 74 25.48 8.90 -24.41
CA GLU A 74 25.93 9.76 -25.50
C GLU A 74 25.94 11.20 -25.03
N LEU A 75 24.87 11.60 -24.33
CA LEU A 75 24.80 12.98 -23.85
C LEU A 75 25.98 13.28 -22.93
N GLU A 76 26.31 12.33 -22.05
CA GLU A 76 27.42 12.54 -21.12
C GLU A 76 28.69 12.96 -21.87
N LYS A 77 28.94 12.31 -23.00
CA LYS A 77 30.15 12.60 -23.79
C LYS A 77 30.11 13.92 -24.55
N GLU A 78 28.91 14.45 -24.76
CA GLU A 78 28.74 15.67 -25.54
C GLU A 78 28.74 16.97 -24.76
N THR A 79 28.50 16.93 -23.45
CA THR A 79 28.45 18.14 -22.66
C THR A 79 29.37 18.11 -21.43
N HIS A 80 29.64 19.29 -20.86
CA HIS A 80 30.47 19.39 -19.67
C HIS A 80 29.58 19.16 -18.43
N HIS A 81 28.26 19.20 -18.62
CA HIS A 81 27.33 18.97 -17.50
C HIS A 81 27.33 17.48 -17.10
N LYS A 82 27.17 17.21 -15.80
CA LYS A 82 27.15 15.81 -15.36
C LYS A 82 25.78 15.25 -15.69
N ILE A 83 25.77 14.09 -16.35
CA ILE A 83 24.51 13.47 -16.75
C ILE A 83 24.05 12.23 -15.97
N PHE A 84 24.95 11.26 -15.78
CA PHE A 84 24.58 10.00 -15.15
C PHE A 84 25.63 9.38 -14.21
N THR A 85 25.16 8.86 -13.08
CA THR A 85 26.05 8.17 -12.14
C THR A 85 25.46 6.75 -11.99
N LYS A 86 26.29 5.73 -12.17
CA LYS A 86 25.84 4.34 -12.10
C LYS A 86 25.77 3.81 -10.68
N THR A 87 24.75 4.24 -9.94
CA THR A 87 24.54 3.82 -8.56
C THR A 87 23.97 2.40 -8.48
N GLY A 88 23.31 1.98 -9.55
CA GLY A 88 22.65 0.70 -9.55
C GLY A 88 21.31 1.00 -8.90
N VAL A 89 20.32 0.13 -9.06
CA VAL A 89 19.01 0.38 -8.45
C VAL A 89 18.50 -0.88 -7.78
N LEU A 90 18.13 -0.73 -6.52
CA LEU A 90 17.62 -1.84 -5.73
C LEU A 90 16.11 -1.79 -5.67
N VAL A 91 15.49 -2.93 -5.95
CA VAL A 91 14.04 -3.06 -5.89
C VAL A 91 13.76 -4.19 -4.89
N PHE A 92 12.91 -3.92 -3.89
CA PHE A 92 12.57 -4.94 -2.92
C PHE A 92 11.14 -4.82 -2.43
N GLY A 93 10.65 -5.88 -1.79
CA GLY A 93 9.30 -5.88 -1.28
C GLY A 93 9.00 -7.19 -0.58
N PRO A 94 7.81 -7.32 0.03
CA PRO A 94 7.47 -8.57 0.71
C PRO A 94 7.40 -9.70 -0.32
N LYS A 95 8.06 -10.82 -0.04
CA LYS A 95 8.04 -11.97 -0.95
C LYS A 95 6.60 -12.39 -1.26
N GLY A 96 6.31 -12.53 -2.56
CA GLY A 96 4.99 -12.96 -3.00
C GLY A 96 3.90 -11.92 -2.82
N GLU A 97 4.27 -10.71 -2.43
CA GLU A 97 3.28 -9.68 -2.22
C GLU A 97 3.51 -8.38 -2.97
N SER A 98 4.29 -8.44 -4.04
CA SER A 98 4.56 -7.25 -4.84
C SER A 98 4.51 -7.52 -6.34
N ALA A 99 3.48 -7.01 -7.00
CA ALA A 99 3.39 -7.20 -8.45
C ALA A 99 4.57 -6.46 -9.09
N PHE A 100 4.93 -5.32 -8.50
CA PHE A 100 6.04 -4.51 -8.98
C PHE A 100 7.34 -5.30 -8.95
N VAL A 101 7.69 -5.86 -7.79
CA VAL A 101 8.91 -6.65 -7.69
C VAL A 101 8.88 -7.83 -8.67
N ALA A 102 7.76 -8.57 -8.69
CA ALA A 102 7.61 -9.72 -9.57
C ALA A 102 7.80 -9.37 -11.05
N GLU A 103 7.18 -8.29 -11.50
CA GLU A 103 7.32 -7.90 -12.91
C GLU A 103 8.75 -7.42 -13.18
N THR A 104 9.40 -6.82 -12.18
CA THR A 104 10.78 -6.37 -12.37
C THR A 104 11.61 -7.63 -12.65
N MET A 105 11.37 -8.67 -11.86
CA MET A 105 12.10 -9.92 -12.00
C MET A 105 11.82 -10.59 -13.35
N GLU A 106 10.56 -10.58 -13.77
CA GLU A 106 10.21 -11.18 -15.06
C GLU A 106 10.82 -10.38 -16.19
N ALA A 107 10.79 -9.06 -16.06
CA ALA A 107 11.37 -8.20 -17.09
C ALA A 107 12.85 -8.48 -17.27
N ALA A 108 13.57 -8.68 -16.16
CA ALA A 108 15.00 -8.95 -16.22
C ALA A 108 15.26 -10.28 -16.91
N LYS A 109 14.48 -11.30 -16.57
CA LYS A 109 14.64 -12.60 -17.18
C LYS A 109 14.33 -12.53 -18.66
N GLU A 110 13.20 -11.91 -19.00
CA GLU A 110 12.79 -11.81 -20.40
C GLU A 110 13.76 -11.11 -21.32
N HIS A 111 14.46 -10.09 -20.82
CA HIS A 111 15.41 -9.38 -21.66
C HIS A 111 16.85 -9.67 -21.31
N SER A 112 17.07 -10.72 -20.54
CA SER A 112 18.40 -11.12 -20.15
C SER A 112 19.19 -9.97 -19.55
N LEU A 113 18.59 -9.28 -18.60
CA LEU A 113 19.29 -8.18 -17.96
C LEU A 113 20.15 -8.75 -16.85
N THR A 114 21.24 -8.06 -16.53
CA THR A 114 22.15 -8.46 -15.47
C THR A 114 21.61 -7.96 -14.14
N VAL A 115 21.23 -8.89 -13.26
CA VAL A 115 20.69 -8.51 -11.95
C VAL A 115 21.14 -9.50 -10.88
N ASP A 116 21.02 -9.10 -9.61
CA ASP A 116 21.37 -9.95 -8.47
C ASP A 116 20.07 -10.16 -7.71
N LEU A 117 19.79 -11.40 -7.32
CA LEU A 117 18.59 -11.69 -6.57
C LEU A 117 19.05 -11.99 -5.13
N LEU A 118 18.41 -11.38 -4.15
CA LEU A 118 18.76 -11.63 -2.77
C LEU A 118 17.54 -11.41 -1.89
N GLU A 119 17.59 -11.94 -0.67
CA GLU A 119 16.45 -11.78 0.21
C GLU A 119 16.79 -11.78 1.68
N GLY A 120 15.86 -11.26 2.47
CA GLY A 120 16.06 -11.22 3.90
C GLY A 120 17.33 -10.54 4.35
N ASP A 121 18.01 -11.17 5.30
CA ASP A 121 19.23 -10.63 5.87
C ASP A 121 20.32 -10.32 4.86
N GLU A 122 20.31 -10.99 3.70
CA GLU A 122 21.33 -10.72 2.68
C GLU A 122 21.27 -9.28 2.21
N ILE A 123 20.07 -8.70 2.21
CA ILE A 123 19.88 -7.32 1.78
C ILE A 123 20.55 -6.42 2.81
N ASN A 124 20.18 -6.61 4.07
CA ASN A 124 20.73 -5.81 5.17
C ASN A 124 22.26 -5.95 5.28
N LYS A 125 22.78 -7.13 4.95
CA LYS A 125 24.23 -7.37 5.02
C LYS A 125 24.97 -6.69 3.89
N ARG A 126 24.45 -6.80 2.67
CA ARG A 126 25.12 -6.19 1.54
C ARG A 126 25.13 -4.67 1.61
N TRP A 127 24.02 -4.08 2.07
CA TRP A 127 23.96 -2.64 2.19
C TRP A 127 23.69 -2.17 3.61
N PRO A 128 24.76 -2.03 4.41
CA PRO A 128 24.54 -1.57 5.78
C PRO A 128 23.71 -0.30 5.70
N GLY A 129 22.71 -0.16 6.56
CA GLY A 129 21.88 1.03 6.51
C GLY A 129 20.45 0.69 6.08
N ILE A 130 20.27 -0.47 5.47
CA ILE A 130 18.95 -0.94 5.04
C ILE A 130 18.52 -2.02 6.03
N THR A 131 17.29 -1.93 6.51
CA THR A 131 16.80 -2.93 7.46
C THR A 131 15.42 -3.39 7.01
N VAL A 132 15.37 -4.52 6.32
CA VAL A 132 14.09 -5.07 5.87
C VAL A 132 13.77 -6.35 6.64
N PRO A 133 12.48 -6.68 6.75
CA PRO A 133 12.09 -7.92 7.46
C PRO A 133 12.70 -9.10 6.70
N GLU A 134 12.80 -10.26 7.34
CA GLU A 134 13.37 -11.44 6.68
C GLU A 134 12.55 -12.02 5.55
N ASN A 135 11.27 -11.67 5.50
CA ASN A 135 10.38 -12.18 4.45
C ASN A 135 10.39 -11.31 3.18
N TYR A 136 11.30 -10.36 3.12
CA TYR A 136 11.41 -9.49 1.94
C TYR A 136 12.43 -10.07 0.97
N ASN A 137 12.21 -9.87 -0.33
CA ASN A 137 13.16 -10.32 -1.32
C ASN A 137 13.50 -9.11 -2.18
N ALA A 138 14.52 -9.25 -3.00
CA ALA A 138 14.93 -8.12 -3.80
C ALA A 138 15.64 -8.49 -5.10
N ILE A 139 15.63 -7.53 -6.01
CA ILE A 139 16.33 -7.68 -7.28
C ILE A 139 17.14 -6.39 -7.38
N PHE A 140 18.45 -6.54 -7.52
CA PHE A 140 19.35 -5.38 -7.64
C PHE A 140 19.88 -5.32 -9.07
N GLU A 141 19.82 -4.12 -9.66
CA GLU A 141 20.27 -3.90 -11.02
C GLU A 141 21.51 -3.01 -10.95
N PRO A 142 22.70 -3.62 -11.09
CA PRO A 142 23.97 -2.89 -11.03
C PRO A 142 24.29 -1.85 -12.09
N ASN A 143 23.73 -2.00 -13.29
CA ASN A 143 24.06 -1.06 -14.34
C ASN A 143 23.06 0.05 -14.60
N SER A 144 22.06 0.15 -13.73
CA SER A 144 21.04 1.19 -13.76
C SER A 144 21.60 2.34 -12.92
N GLY A 145 20.85 3.42 -12.79
CA GLY A 145 21.40 4.49 -11.99
C GLY A 145 20.59 5.74 -11.79
N VAL A 146 21.31 6.85 -11.70
CA VAL A 146 20.74 8.15 -11.44
C VAL A 146 21.11 9.17 -12.48
N LEU A 147 20.09 9.87 -12.97
CA LEU A 147 20.25 10.92 -13.96
C LEU A 147 20.13 12.27 -13.25
N PHE A 148 20.92 13.24 -13.70
CA PHE A 148 20.82 14.58 -13.13
C PHE A 148 19.93 15.33 -14.13
N SER A 149 18.64 15.22 -13.88
CA SER A 149 17.60 15.76 -14.75
C SER A 149 17.68 17.22 -15.18
N GLU A 150 17.97 18.13 -14.27
CA GLU A 150 18.07 19.52 -14.67
C GLU A 150 19.27 19.69 -15.62
N ASN A 151 20.35 18.97 -15.32
CA ASN A 151 21.56 19.00 -16.17
C ASN A 151 21.25 18.47 -17.56
N CYS A 152 20.43 17.42 -17.63
CA CYS A 152 20.06 16.81 -18.91
C CYS A 152 19.33 17.80 -19.78
N ILE A 153 18.34 18.48 -19.22
CA ILE A 153 17.57 19.44 -19.99
C ILE A 153 18.45 20.64 -20.38
N ARG A 154 19.30 21.07 -19.45
N ARG A 154 19.30 21.08 -19.46
CA ARG A 154 20.19 22.19 -19.71
CA ARG A 154 20.17 22.21 -19.76
C ARG A 154 21.14 21.83 -20.85
C ARG A 154 21.12 21.82 -20.90
N ALA A 155 21.67 20.61 -20.83
CA ALA A 155 22.59 20.14 -21.88
C ALA A 155 21.87 20.05 -23.23
N TYR A 156 20.71 19.39 -23.25
CA TYR A 156 19.97 19.28 -24.50
C TYR A 156 19.65 20.66 -25.05
N ARG A 157 19.32 21.61 -24.19
CA ARG A 157 19.00 22.96 -24.65
C ARG A 157 20.22 23.64 -25.26
N GLU A 158 21.34 23.63 -24.55
CA GLU A 158 22.56 24.26 -25.04
C GLU A 158 23.02 23.64 -26.35
N LEU A 159 22.92 22.31 -26.48
CA LEU A 159 23.34 21.67 -27.71
C LEU A 159 22.36 21.99 -28.85
N ALA A 160 21.07 22.04 -28.55
CA ALA A 160 20.08 22.35 -29.58
C ALA A 160 20.24 23.77 -30.07
N GLU A 161 20.38 24.72 -29.14
CA GLU A 161 20.54 26.11 -29.54
C GLU A 161 21.82 26.32 -30.32
N ALA A 162 22.89 25.62 -29.95
CA ALA A 162 24.16 25.76 -30.67
C ALA A 162 23.93 25.38 -32.13
N ARG A 163 22.98 24.48 -32.36
CA ARG A 163 22.68 24.03 -33.71
C ARG A 163 21.58 24.81 -34.42
N GLY A 164 21.12 25.91 -33.84
CA GLY A 164 20.11 26.72 -34.49
C GLY A 164 18.70 26.74 -33.91
N ALA A 165 18.41 25.82 -33.01
CA ALA A 165 17.07 25.80 -32.40
C ALA A 165 16.88 27.10 -31.64
N LYS A 166 15.65 27.62 -31.68
CA LYS A 166 15.32 28.86 -30.99
C LYS A 166 14.41 28.48 -29.83
N VAL A 167 14.67 29.08 -28.67
CA VAL A 167 13.88 28.79 -27.49
C VAL A 167 13.24 30.09 -27.01
N LEU A 168 11.91 30.12 -27.00
CA LEU A 168 11.16 31.29 -26.56
C LEU A 168 10.65 30.99 -25.15
N THR A 169 11.23 31.68 -24.17
CA THR A 169 10.92 31.48 -22.76
C THR A 169 9.85 32.40 -22.18
N HIS A 170 9.35 32.03 -21.00
CA HIS A 170 8.32 32.81 -20.31
C HIS A 170 7.16 33.16 -21.22
N THR A 171 6.84 32.23 -22.12
CA THR A 171 5.78 32.43 -23.08
C THR A 171 4.83 31.25 -23.05
N ARG A 172 3.63 31.52 -22.55
CA ARG A 172 2.61 30.51 -22.43
C ARG A 172 1.77 30.42 -23.71
N VAL A 173 1.71 29.23 -24.30
CA VAL A 173 0.90 29.04 -25.49
C VAL A 173 -0.51 28.91 -24.93
N GLU A 174 -1.45 29.65 -25.51
CA GLU A 174 -2.84 29.65 -25.05
C GLU A 174 -3.84 28.99 -25.99
N ASP A 175 -3.50 28.88 -27.27
CA ASP A 175 -4.41 28.25 -28.21
C ASP A 175 -3.64 27.77 -29.43
N PHE A 176 -4.26 26.88 -30.21
CA PHE A 176 -3.66 26.30 -31.40
C PHE A 176 -4.61 26.41 -32.59
N ASP A 177 -4.05 26.47 -33.78
CA ASP A 177 -4.85 26.52 -35.01
C ASP A 177 -4.19 25.51 -35.94
N ILE A 178 -4.84 24.37 -36.10
CA ILE A 178 -4.29 23.31 -36.94
C ILE A 178 -4.99 23.16 -38.28
N SER A 179 -4.21 23.11 -39.35
N SER A 179 -4.20 23.11 -39.35
CA SER A 179 -4.76 22.93 -40.69
CA SER A 179 -4.72 22.94 -40.70
C SER A 179 -4.11 21.67 -41.28
C SER A 179 -4.08 21.68 -41.29
N PRO A 180 -4.66 21.16 -42.39
CA PRO A 180 -4.08 19.95 -42.99
C PRO A 180 -2.63 20.09 -43.43
N ASP A 181 -2.16 21.31 -43.66
CA ASP A 181 -0.78 21.51 -44.12
C ASP A 181 0.08 22.44 -43.25
N SER A 182 -0.41 22.81 -42.08
CA SER A 182 0.38 23.66 -41.21
C SER A 182 -0.20 23.76 -39.81
N VAL A 183 0.58 24.30 -38.89
CA VAL A 183 0.17 24.44 -37.51
C VAL A 183 0.49 25.85 -37.06
N LYS A 184 -0.28 26.36 -36.10
CA LYS A 184 -0.03 27.70 -35.59
C LYS A 184 -0.33 27.77 -34.10
N ILE A 185 0.49 28.50 -33.36
CA ILE A 185 0.27 28.65 -31.93
C ILE A 185 0.05 30.12 -31.61
N GLU A 186 -0.75 30.40 -30.59
CA GLU A 186 -1.03 31.77 -30.17
C GLU A 186 -0.52 32.01 -28.75
N THR A 187 0.23 33.08 -28.55
CA THR A 187 0.77 33.42 -27.24
C THR A 187 0.68 34.93 -27.06
N ALA A 188 0.86 35.38 -25.82
CA ALA A 188 0.80 36.80 -25.53
C ALA A 188 1.94 37.57 -26.21
N ASN A 189 3.02 36.85 -26.52
CA ASN A 189 4.17 37.49 -27.17
C ASN A 189 4.19 37.36 -28.70
N GLY A 190 3.09 36.86 -29.27
CA GLY A 190 2.96 36.70 -30.72
C GLY A 190 2.58 35.29 -31.13
N SER A 191 2.23 35.10 -32.41
CA SER A 191 1.87 33.78 -32.93
C SER A 191 2.94 33.29 -33.92
N TYR A 192 3.06 31.97 -34.08
CA TYR A 192 4.09 31.33 -34.91
C TYR A 192 3.51 30.14 -35.67
N THR A 193 4.06 29.87 -36.85
CA THR A 193 3.59 28.78 -37.69
C THR A 193 4.73 27.83 -38.03
N ALA A 194 4.36 26.62 -38.45
CA ALA A 194 5.32 25.60 -38.82
C ALA A 194 4.57 24.50 -39.54
N ASP A 195 5.31 23.50 -40.00
CA ASP A 195 4.72 22.36 -40.71
C ASP A 195 4.25 21.31 -39.74
N LYS A 196 4.95 21.18 -38.62
CA LYS A 196 4.62 20.17 -37.61
C LYS A 196 4.61 20.74 -36.20
N LEU A 197 3.80 20.12 -35.34
CA LEU A 197 3.69 20.55 -33.95
C LEU A 197 3.88 19.40 -32.97
N ILE A 198 4.73 19.62 -31.98
CA ILE A 198 4.92 18.62 -30.93
C ILE A 198 4.35 19.24 -29.65
N VAL A 199 3.42 18.55 -29.01
CA VAL A 199 2.81 19.07 -27.78
C VAL A 199 3.27 18.24 -26.57
N SER A 200 4.00 18.89 -25.68
CA SER A 200 4.55 18.25 -24.48
C SER A 200 4.56 19.25 -23.34
N MET A 201 3.36 19.59 -22.83
CA MET A 201 3.24 20.58 -21.78
C MET A 201 3.18 20.02 -20.36
N GLY A 202 3.57 18.76 -20.19
CA GLY A 202 3.56 18.17 -18.85
C GLY A 202 2.22 18.25 -18.15
N ALA A 203 2.21 18.71 -16.90
CA ALA A 203 0.97 18.83 -16.11
C ALA A 203 -0.08 19.71 -16.78
N TRP A 204 0.35 20.64 -17.63
CA TRP A 204 -0.60 21.52 -18.31
C TRP A 204 -1.33 20.85 -19.49
N ASN A 205 -0.90 19.64 -19.86
CA ASN A 205 -1.59 18.91 -20.91
C ASN A 205 -3.02 18.65 -20.41
N SER A 206 -3.16 18.50 -19.09
CA SER A 206 -4.47 18.24 -18.48
C SER A 206 -5.44 19.41 -18.61
N LYS A 207 -4.93 20.60 -18.93
CA LYS A 207 -5.76 21.79 -19.08
C LYS A 207 -5.86 22.33 -20.50
N LEU A 208 -4.80 22.13 -21.31
CA LEU A 208 -4.79 22.66 -22.65
C LEU A 208 -5.00 21.72 -23.85
N LEU A 209 -5.07 20.42 -23.64
CA LEU A 209 -5.28 19.53 -24.78
C LEU A 209 -6.69 19.71 -25.35
N SER A 210 -7.59 20.25 -24.52
CA SER A 210 -8.96 20.49 -24.99
C SER A 210 -8.94 21.51 -26.15
N LYS A 211 -7.87 22.29 -26.23
CA LYS A 211 -7.73 23.28 -27.29
C LYS A 211 -7.40 22.58 -28.62
N LEU A 212 -7.14 21.27 -28.55
CA LEU A 212 -6.83 20.48 -29.74
C LEU A 212 -7.94 19.46 -29.94
N ASN A 213 -9.09 19.76 -29.34
CA ASN A 213 -10.27 18.89 -29.44
C ASN A 213 -10.03 17.52 -28.82
N LEU A 214 -9.17 17.44 -27.82
CA LEU A 214 -8.91 16.16 -27.17
C LEU A 214 -9.53 16.15 -25.78
N ASP A 215 -10.13 15.02 -25.43
CA ASP A 215 -10.75 14.85 -24.12
C ASP A 215 -10.16 13.60 -23.52
N ILE A 216 -9.06 13.74 -22.80
CA ILE A 216 -8.38 12.59 -22.20
C ILE A 216 -8.16 12.74 -20.71
N PRO A 217 -8.58 11.73 -19.93
CA PRO A 217 -8.39 11.82 -18.49
C PRO A 217 -6.91 11.93 -18.15
N LEU A 218 -6.53 13.05 -17.55
CA LEU A 218 -5.16 13.29 -17.13
C LEU A 218 -5.26 14.02 -15.80
N GLN A 219 -4.76 13.40 -14.74
CA GLN A 219 -4.83 14.02 -13.42
C GLN A 219 -3.47 14.41 -12.88
N PRO A 220 -3.28 15.70 -12.59
CA PRO A 220 -1.99 16.17 -12.04
C PRO A 220 -1.97 15.90 -10.53
N TYR A 221 -0.82 15.45 -10.04
CA TYR A 221 -0.64 15.18 -8.62
C TYR A 221 0.55 15.94 -8.05
N ARG A 222 0.41 16.42 -6.81
CA ARG A 222 1.47 17.12 -6.11
C ARG A 222 2.31 16.03 -5.45
N GLN A 223 3.59 15.96 -5.82
CA GLN A 223 4.47 14.94 -5.28
C GLN A 223 5.72 15.56 -4.72
N VAL A 224 5.94 15.37 -3.42
CA VAL A 224 7.11 15.94 -2.77
C VAL A 224 8.24 14.95 -2.54
N VAL A 225 9.43 15.49 -2.32
CA VAL A 225 10.62 14.72 -2.03
C VAL A 225 11.37 15.46 -0.92
N GLY A 226 12.10 14.72 -0.10
CA GLY A 226 12.87 15.33 0.97
C GLY A 226 14.29 14.80 0.98
N PHE A 227 15.24 15.67 1.36
CA PHE A 227 16.64 15.31 1.49
C PHE A 227 16.89 15.29 2.99
N PHE A 228 17.47 14.20 3.50
CA PHE A 228 17.70 14.06 4.94
C PHE A 228 19.16 13.85 5.35
N GLU A 229 19.57 14.47 6.46
CA GLU A 229 20.94 14.30 6.94
C GLU A 229 21.05 12.80 7.24
N SER A 230 22.10 12.17 6.73
CA SER A 230 22.25 10.73 6.90
C SER A 230 23.65 10.32 7.32
N ASP A 231 23.78 9.06 7.72
CA ASP A 231 25.06 8.50 8.11
C ASP A 231 25.80 8.27 6.79
N GLU A 232 26.73 9.16 6.47
CA GLU A 232 27.46 9.05 5.21
C GLU A 232 28.27 7.77 5.00
N SER A 233 28.66 7.11 6.09
CA SER A 233 29.42 5.88 5.97
C SER A 233 28.55 4.73 5.46
N LYS A 234 27.24 4.97 5.37
CA LYS A 234 26.31 3.96 4.90
C LYS A 234 25.49 4.37 3.67
N TYR A 235 25.03 5.62 3.67
CA TYR A 235 24.17 6.08 2.58
C TYR A 235 24.76 6.93 1.47
N SER A 236 26.08 7.07 1.44
CA SER A 236 26.71 7.84 0.39
C SER A 236 26.87 7.04 -0.90
N ASN A 237 26.80 7.75 -2.03
CA ASN A 237 26.99 7.09 -3.31
C ASN A 237 28.43 6.56 -3.31
N ASP A 238 29.31 7.23 -2.56
CA ASP A 238 30.72 6.87 -2.48
C ASP A 238 30.97 5.51 -1.87
N ILE A 239 30.04 5.04 -1.05
CA ILE A 239 30.17 3.73 -0.44
C ILE A 239 29.14 2.77 -1.07
N ASP A 240 28.74 3.11 -2.30
CA ASP A 240 27.82 2.33 -3.13
C ASP A 240 26.41 2.07 -2.62
N PHE A 241 25.85 3.00 -1.84
CA PHE A 241 24.48 2.82 -1.42
C PHE A 241 23.75 3.07 -2.74
N PRO A 242 22.80 2.21 -3.09
CA PRO A 242 22.06 2.35 -4.35
C PRO A 242 20.85 3.27 -4.41
N GLY A 243 20.40 3.50 -5.65
CA GLY A 243 19.17 4.27 -5.82
C GLY A 243 18.17 3.15 -5.56
N PHE A 244 16.90 3.47 -5.32
CA PHE A 244 15.95 2.40 -5.08
C PHE A 244 14.50 2.77 -5.32
N MET A 245 13.69 1.75 -5.58
CA MET A 245 12.26 1.93 -5.76
C MET A 245 11.75 0.65 -5.13
N VAL A 246 10.94 0.78 -4.09
CA VAL A 246 10.50 -0.42 -3.39
C VAL A 246 9.03 -0.39 -3.02
N GLU A 247 8.49 -1.56 -2.71
CA GLU A 247 7.10 -1.65 -2.32
C GLU A 247 6.96 -2.21 -0.91
N VAL A 248 6.20 -1.51 -0.09
CA VAL A 248 5.93 -1.91 1.29
C VAL A 248 4.40 -1.94 1.40
N PRO A 249 3.87 -2.51 2.49
CA PRO A 249 2.40 -2.57 2.64
C PRO A 249 1.59 -1.32 2.28
N ASN A 250 2.09 -0.15 2.65
N ASN A 250 2.10 -0.14 2.65
CA ASN A 250 1.35 1.08 2.38
CA ASN A 250 1.38 1.10 2.38
C ASN A 250 1.74 1.83 1.11
C ASN A 250 1.74 1.83 1.10
N GLY A 251 2.47 1.17 0.20
CA GLY A 251 2.82 1.82 -1.04
C GLY A 251 4.24 1.70 -1.56
N ILE A 252 4.53 2.45 -2.60
CA ILE A 252 5.84 2.45 -3.22
C ILE A 252 6.62 3.72 -2.90
N TYR A 253 7.90 3.56 -2.53
CA TYR A 253 8.77 4.68 -2.23
C TYR A 253 9.99 4.54 -3.14
N TYR A 254 10.67 5.66 -3.39
CA TYR A 254 11.87 5.65 -4.21
C TYR A 254 12.86 6.62 -3.57
N GLY A 255 14.14 6.38 -3.80
CA GLY A 255 15.14 7.23 -3.18
C GLY A 255 16.49 7.18 -3.86
N PHE A 256 17.37 8.04 -3.37
CA PHE A 256 18.70 8.17 -3.94
C PHE A 256 19.74 8.23 -2.84
N PRO A 257 20.96 7.75 -3.13
CA PRO A 257 22.02 7.79 -2.12
C PRO A 257 22.42 9.26 -1.96
N SER A 258 23.13 9.57 -0.89
CA SER A 258 23.59 10.94 -0.67
C SER A 258 24.74 11.20 -1.63
N PHE A 259 24.67 12.31 -2.36
CA PHE A 259 25.73 12.69 -3.31
C PHE A 259 26.47 13.89 -2.72
N GLY A 260 27.79 13.74 -2.54
CA GLY A 260 28.58 14.83 -1.99
C GLY A 260 28.05 15.30 -0.65
N GLY A 261 27.51 14.38 0.13
CA GLY A 261 26.98 14.72 1.44
C GLY A 261 25.70 15.55 1.48
N CYS A 262 24.97 15.62 0.38
CA CYS A 262 23.75 16.42 0.41
C CYS A 262 22.56 15.69 1.06
N GLY A 263 22.76 14.42 1.44
CA GLY A 263 21.71 13.66 2.10
C GLY A 263 20.90 12.70 1.23
N LEU A 264 20.43 11.61 1.84
CA LEU A 264 19.61 10.64 1.13
C LEU A 264 18.31 11.34 0.75
N LYS A 265 17.85 11.13 -0.47
CA LYS A 265 16.63 11.74 -0.94
C LYS A 265 15.55 10.67 -1.03
N LEU A 266 14.34 10.99 -0.61
CA LEU A 266 13.24 10.03 -0.61
C LEU A 266 11.92 10.64 -1.09
N GLY A 267 11.12 9.82 -1.76
CA GLY A 267 9.81 10.25 -2.24
C GLY A 267 8.81 9.12 -2.07
N TYR A 268 7.57 9.48 -1.73
CA TYR A 268 6.48 8.53 -1.58
C TYR A 268 5.75 8.61 -2.94
N HIS A 269 5.79 7.50 -3.68
CA HIS A 269 5.28 7.41 -5.05
C HIS A 269 3.77 7.22 -5.27
N THR A 270 3.14 6.36 -4.48
CA THR A 270 1.74 6.07 -4.69
C THR A 270 0.71 7.01 -4.10
N PHE A 271 1.16 8.03 -3.39
CA PHE A 271 0.24 9.00 -2.82
C PHE A 271 0.68 10.42 -3.16
N GLY A 272 -0.28 11.28 -3.46
CA GLY A 272 -0.01 12.67 -3.76
C GLY A 272 -1.34 13.40 -3.73
N GLN A 273 -1.32 14.72 -3.65
CA GLN A 273 -2.59 15.47 -3.64
C GLN A 273 -3.02 15.77 -5.08
N LYS A 274 -4.29 15.58 -5.39
CA LYS A 274 -4.77 15.94 -6.73
C LYS A 274 -4.73 17.45 -6.76
N ILE A 275 -4.11 18.02 -7.79
CA ILE A 275 -4.03 19.48 -7.87
C ILE A 275 -4.21 19.98 -9.28
N ASP A 276 -4.12 21.30 -9.44
CA ASP A 276 -4.22 21.97 -10.73
C ASP A 276 -2.85 22.64 -10.81
N PRO A 277 -2.12 22.47 -11.92
CA PRO A 277 -0.79 23.07 -12.07
C PRO A 277 -0.67 24.58 -11.89
N ASP A 278 -1.77 25.30 -12.02
CA ASP A 278 -1.71 26.74 -11.84
C ASP A 278 -2.03 27.19 -10.42
N THR A 279 -2.52 26.28 -9.57
CA THR A 279 -2.83 26.66 -8.17
C THR A 279 -2.13 25.78 -7.13
N ILE A 280 -1.31 24.84 -7.59
CA ILE A 280 -0.60 23.94 -6.68
C ILE A 280 0.29 24.74 -5.74
N ASN A 281 0.36 24.31 -4.48
CA ASN A 281 1.21 24.99 -3.50
C ASN A 281 2.55 24.27 -3.60
N ARG A 282 3.56 24.99 -4.08
CA ARG A 282 4.88 24.39 -4.28
C ARG A 282 5.82 24.49 -3.09
N GLU A 283 5.27 24.77 -1.91
CA GLU A 283 6.10 24.87 -0.72
C GLU A 283 6.09 23.54 0.02
N PHE A 284 7.27 22.99 0.28
CA PHE A 284 7.36 21.72 0.99
C PHE A 284 7.08 21.93 2.47
N GLY A 285 6.26 21.03 3.04
CA GLY A 285 5.96 21.12 4.45
C GLY A 285 4.62 21.74 4.83
N VAL A 286 3.89 22.29 3.88
CA VAL A 286 2.60 22.90 4.21
C VAL A 286 1.55 21.85 4.57
N TYR A 287 1.76 20.61 4.14
CA TYR A 287 0.86 19.51 4.48
C TYR A 287 1.70 18.67 5.45
N PRO A 288 1.09 18.20 6.56
CA PRO A 288 1.86 17.39 7.50
C PRO A 288 2.37 16.08 6.90
N GLU A 289 1.67 15.57 5.88
CA GLU A 289 2.07 14.32 5.23
C GLU A 289 3.37 14.48 4.45
N ASP A 290 3.67 15.69 4.01
CA ASP A 290 4.89 15.93 3.25
C ASP A 290 6.09 15.28 3.92
N GLU A 291 6.31 15.63 5.18
CA GLU A 291 7.45 15.11 5.92
C GLU A 291 7.18 13.79 6.66
N SER A 292 5.99 13.64 7.25
CA SER A 292 5.71 12.42 7.99
C SER A 292 5.66 11.13 7.17
N ASN A 293 5.15 11.21 5.93
CA ASN A 293 5.09 10.00 5.10
C ASN A 293 6.49 9.50 4.79
N LEU A 294 7.44 10.43 4.68
CA LEU A 294 8.81 10.05 4.40
C LEU A 294 9.50 9.44 5.63
N ARG A 295 9.39 10.08 6.79
CA ARG A 295 10.02 9.53 8.00
C ARG A 295 9.42 8.19 8.45
N ALA A 296 8.16 7.96 8.09
CA ALA A 296 7.52 6.69 8.45
C ALA A 296 8.26 5.55 7.73
N PHE A 297 8.71 5.83 6.50
CA PHE A 297 9.44 4.82 5.74
C PHE A 297 10.88 4.71 6.25
N LEU A 298 11.56 5.85 6.39
CA LEU A 298 12.96 5.86 6.83
C LEU A 298 13.19 5.22 8.21
N GLU A 299 12.40 5.60 9.22
CA GLU A 299 12.60 5.04 10.56
C GLU A 299 12.45 3.52 10.56
N GLU A 300 11.68 2.98 9.62
CA GLU A 300 11.48 1.55 9.56
C GLU A 300 12.49 0.80 8.66
N TYR A 301 12.82 1.36 7.50
CA TYR A 301 13.72 0.66 6.56
C TYR A 301 15.15 1.18 6.36
N MET A 302 15.38 2.46 6.66
CA MET A 302 16.68 3.09 6.49
C MET A 302 16.83 4.06 7.65
N PRO A 303 16.90 3.53 8.88
CA PRO A 303 17.01 4.29 10.13
C PRO A 303 18.17 5.25 10.27
N GLY A 304 19.28 5.01 9.58
CA GLY A 304 20.41 5.91 9.68
C GLY A 304 20.32 7.10 8.75
N ALA A 305 19.26 7.15 7.94
CA ALA A 305 19.04 8.24 7.00
C ALA A 305 17.78 9.02 7.37
N ASN A 306 17.52 9.15 8.67
CA ASN A 306 16.32 9.84 9.16
C ASN A 306 16.68 11.03 10.03
N GLY A 307 17.72 11.74 9.62
CA GLY A 307 18.16 12.91 10.38
C GLY A 307 17.38 14.16 10.04
N GLU A 308 18.01 15.30 10.27
CA GLU A 308 17.38 16.58 10.00
C GLU A 308 17.02 16.76 8.52
N LEU A 309 15.89 17.42 8.26
CA LEU A 309 15.45 17.68 6.90
C LEU A 309 16.35 18.81 6.37
N LYS A 310 17.11 18.51 5.32
CA LYS A 310 18.04 19.47 4.74
C LYS A 310 17.41 20.27 3.59
N ARG A 311 16.48 19.65 2.89
CA ARG A 311 15.86 20.28 1.73
C ARG A 311 14.58 19.55 1.34
N GLY A 312 13.66 20.29 0.73
CA GLY A 312 12.43 19.70 0.25
C GLY A 312 12.10 20.29 -1.10
N ALA A 313 11.34 19.57 -1.91
CA ALA A 313 10.95 20.06 -3.23
C ALA A 313 9.53 19.57 -3.51
N VAL A 314 8.81 20.30 -4.36
CA VAL A 314 7.44 19.92 -4.71
C VAL A 314 7.38 19.89 -6.22
N CYS A 315 6.90 18.78 -6.76
CA CYS A 315 6.87 18.64 -8.19
C CYS A 315 5.59 17.90 -8.59
N MET A 316 5.32 17.76 -9.89
CA MET A 316 4.07 17.13 -10.31
C MET A 316 4.13 15.89 -11.20
N TYR A 317 3.20 14.96 -11.00
CA TYR A 317 3.08 13.79 -11.87
C TYR A 317 1.79 14.10 -12.65
N THR A 318 1.65 13.54 -13.85
CA THR A 318 0.43 13.71 -14.64
C THR A 318 0.03 12.28 -15.01
N LYS A 319 -0.98 11.75 -14.35
CA LYS A 319 -1.40 10.37 -14.59
C LYS A 319 -2.51 10.12 -15.58
N THR A 320 -2.37 9.01 -16.28
CA THR A 320 -3.37 8.53 -17.22
C THR A 320 -4.07 7.45 -16.40
N LEU A 321 -5.22 6.97 -16.86
CA LEU A 321 -5.95 5.94 -16.11
C LEU A 321 -5.21 4.61 -15.94
N ASP A 322 -4.38 4.26 -16.90
CA ASP A 322 -3.63 3.01 -16.83
C ASP A 322 -2.16 3.24 -16.47
N GLU A 323 -1.82 4.50 -16.20
CA GLU A 323 -0.48 4.92 -15.84
C GLU A 323 0.60 4.63 -16.89
N HIS A 324 0.18 4.47 -18.14
CA HIS A 324 1.13 4.29 -19.23
C HIS A 324 1.12 5.62 -19.98
N PHE A 325 2.20 5.91 -20.69
CA PHE A 325 2.30 7.20 -21.36
C PHE A 325 1.41 7.32 -22.59
N ILE A 326 1.40 8.52 -23.14
CA ILE A 326 0.67 8.81 -24.37
C ILE A 326 1.75 9.42 -25.27
N ILE A 327 2.08 8.69 -26.33
CA ILE A 327 3.06 9.15 -27.31
C ILE A 327 2.47 8.72 -28.63
N ASP A 328 1.97 9.68 -29.42
CA ASP A 328 1.30 9.31 -30.66
C ASP A 328 0.96 10.56 -31.45
N LEU A 329 0.48 10.35 -32.67
CA LEU A 329 0.05 11.46 -33.51
C LEU A 329 -1.37 11.80 -33.05
N HIS A 330 -1.76 13.06 -33.19
CA HIS A 330 -3.11 13.48 -32.85
C HIS A 330 -4.03 12.64 -33.77
N PRO A 331 -5.11 12.05 -33.23
CA PRO A 331 -5.97 11.23 -34.10
C PRO A 331 -6.58 11.93 -35.34
N GLU A 332 -6.74 13.24 -35.29
CA GLU A 332 -7.29 13.98 -36.43
C GLU A 332 -6.25 14.81 -37.18
N HIS A 333 -5.03 14.86 -36.67
CA HIS A 333 -3.98 15.66 -37.32
C HIS A 333 -2.64 14.95 -37.31
N SER A 334 -2.26 14.38 -38.45
CA SER A 334 -0.99 13.67 -38.53
C SER A 334 0.19 14.62 -38.41
N ASN A 335 -0.08 15.92 -38.45
CA ASN A 335 1.00 16.90 -38.33
C ASN A 335 1.14 17.43 -36.90
N VAL A 336 0.48 16.76 -35.97
CA VAL A 336 0.53 17.12 -34.55
C VAL A 336 0.92 15.88 -33.74
N VAL A 337 1.95 16.02 -32.90
CA VAL A 337 2.43 14.91 -32.08
C VAL A 337 2.16 15.22 -30.61
N ILE A 338 1.66 14.23 -29.88
CA ILE A 338 1.33 14.41 -28.47
C ILE A 338 2.22 13.56 -27.56
N ALA A 339 2.73 14.17 -26.51
CA ALA A 339 3.57 13.48 -25.51
C ALA A 339 2.95 13.88 -24.18
N ALA A 340 2.26 12.94 -23.53
CA ALA A 340 1.60 13.27 -22.29
C ALA A 340 1.43 12.10 -21.33
N GLY A 341 0.94 12.45 -20.15
CA GLY A 341 0.64 11.47 -19.10
C GLY A 341 1.76 10.55 -18.66
N PHE A 342 2.95 11.09 -18.45
CA PHE A 342 4.06 10.24 -18.04
C PHE A 342 3.94 9.61 -16.68
N SER A 343 2.82 9.90 -16.01
CA SER A 343 2.46 9.31 -14.76
C SER A 343 3.53 9.08 -13.72
N GLY A 344 4.43 10.05 -13.57
CA GLY A 344 5.44 9.93 -12.55
C GLY A 344 6.65 9.04 -12.79
N HIS A 345 6.78 8.47 -13.99
CA HIS A 345 7.96 7.63 -14.24
C HIS A 345 8.55 7.79 -15.64
N GLY A 346 8.34 8.95 -16.24
CA GLY A 346 8.85 9.16 -17.58
C GLY A 346 10.22 9.82 -17.78
N PHE A 347 10.81 10.44 -16.77
CA PHE A 347 12.06 11.12 -17.06
C PHE A 347 13.16 10.25 -17.64
N LYS A 348 13.33 9.06 -17.09
CA LYS A 348 14.36 8.13 -17.56
C LYS A 348 14.26 7.85 -19.06
N PHE A 349 13.05 7.96 -19.59
CA PHE A 349 12.81 7.71 -21.02
C PHE A 349 12.90 8.96 -21.89
N SER A 350 12.98 10.15 -21.28
CA SER A 350 12.97 11.38 -22.08
C SER A 350 13.95 11.42 -23.23
N SER A 351 15.16 10.89 -23.07
CA SER A 351 16.10 10.88 -24.18
C SER A 351 15.52 10.04 -25.34
N GLY A 352 14.97 8.87 -25.01
CA GLY A 352 14.39 8.03 -26.03
C GLY A 352 13.13 8.65 -26.64
N VAL A 353 12.31 9.27 -25.80
CA VAL A 353 11.09 9.92 -26.25
C VAL A 353 11.40 11.07 -27.18
N GLY A 354 12.47 11.80 -26.90
CA GLY A 354 12.86 12.90 -27.78
C GLY A 354 13.09 12.34 -29.18
N GLU A 355 13.73 11.17 -29.24
CA GLU A 355 14.00 10.53 -30.52
C GLU A 355 12.69 10.11 -31.20
N VAL A 356 11.78 9.54 -30.42
CA VAL A 356 10.49 9.11 -30.98
C VAL A 356 9.69 10.30 -31.52
N LEU A 357 9.65 11.38 -30.74
CA LEU A 357 8.89 12.56 -31.15
C LEU A 357 9.45 13.17 -32.42
N SER A 358 10.78 13.16 -32.53
CA SER A 358 11.44 13.71 -33.70
C SER A 358 11.02 12.92 -34.94
N GLN A 359 11.04 11.60 -34.80
CA GLN A 359 10.67 10.71 -35.89
C GLN A 359 9.19 10.87 -36.25
N LEU A 360 8.33 10.95 -35.26
CA LEU A 360 6.91 11.10 -35.53
C LEU A 360 6.60 12.41 -36.23
N ALA A 361 7.27 13.48 -35.82
CA ALA A 361 7.05 14.80 -36.42
C ALA A 361 7.58 14.87 -37.85
N LEU A 362 8.73 14.25 -38.11
CA LEU A 362 9.33 14.29 -39.44
C LEU A 362 8.80 13.26 -40.43
N THR A 363 8.40 12.09 -39.94
CA THR A 363 7.94 11.04 -40.85
C THR A 363 6.57 10.48 -40.58
N GLY A 364 5.95 10.86 -39.47
CA GLY A 364 4.64 10.32 -39.14
C GLY A 364 4.73 8.91 -38.59
N LYS A 365 5.96 8.39 -38.45
CA LYS A 365 6.17 7.05 -37.93
C LYS A 365 7.43 7.06 -37.07
N THR A 366 7.71 5.93 -36.45
CA THR A 366 8.91 5.80 -35.61
C THR A 366 9.39 4.35 -35.70
N GLU A 367 10.69 4.14 -35.56
CA GLU A 367 11.23 2.78 -35.61
C GLU A 367 10.93 2.04 -34.30
N HIS A 368 10.63 2.80 -33.24
CA HIS A 368 10.31 2.18 -31.94
C HIS A 368 8.90 1.60 -31.92
N ASP A 369 8.67 0.58 -31.10
CA ASP A 369 7.33 0.03 -30.98
C ASP A 369 6.69 0.87 -29.89
N ILE A 370 5.76 1.73 -30.25
CA ILE A 370 5.11 2.57 -29.23
C ILE A 370 3.62 2.29 -29.10
N SER A 371 3.21 1.10 -29.54
CA SER A 371 1.80 0.71 -29.48
C SER A 371 1.20 0.80 -28.07
N ILE A 372 1.98 0.49 -27.04
CA ILE A 372 1.47 0.53 -25.68
C ILE A 372 1.12 1.96 -25.23
N PHE A 373 1.62 2.95 -25.96
CA PHE A 373 1.38 4.35 -25.64
C PHE A 373 0.38 5.00 -26.59
N SER A 374 -0.36 4.18 -27.33
CA SER A 374 -1.35 4.67 -28.30
C SER A 374 -2.40 5.60 -27.68
N ILE A 375 -2.68 6.71 -28.36
CA ILE A 375 -3.66 7.65 -27.86
C ILE A 375 -5.07 7.10 -28.09
N ASN A 376 -5.18 6.01 -28.85
CA ASN A 376 -6.46 5.38 -29.17
C ASN A 376 -6.78 4.16 -28.31
N ARG A 377 -5.90 3.78 -27.39
CA ARG A 377 -6.16 2.61 -26.58
C ARG A 377 -7.37 2.81 -25.67
N PRO A 378 -8.18 1.76 -25.49
CA PRO A 378 -9.38 1.83 -24.64
C PRO A 378 -9.16 2.11 -23.15
N ALA A 379 -8.06 1.61 -22.60
CA ALA A 379 -7.78 1.81 -21.17
C ALA A 379 -7.56 3.28 -20.84
N LEU A 380 -7.30 4.07 -21.86
CA LEU A 380 -7.05 5.49 -21.69
C LEU A 380 -8.36 6.25 -21.55
N LYS A 381 -9.38 5.80 -22.28
N LYS A 381 -9.37 5.82 -22.28
CA LYS A 381 -10.70 6.44 -22.30
CA LYS A 381 -10.70 6.43 -22.27
C LYS A 381 -10.63 7.75 -23.07
C LYS A 381 -10.63 7.75 -23.07
N GLU A 382 -9.90 7.72 -24.18
CA GLU A 382 -9.71 8.90 -25.04
C GLU A 382 -10.98 9.29 -25.82
N SER A 383 -11.16 10.59 -26.01
CA SER A 383 -12.32 11.11 -26.74
C SER A 383 -12.05 12.49 -27.34
N LEU A 384 -12.99 12.94 -28.18
CA LEU A 384 -12.91 14.24 -28.83
C LEU A 384 -14.16 15.04 -28.43
N GLN A 385 -14.09 16.37 -28.52
CA GLN A 385 -15.24 17.21 -28.15
C GLN A 385 -16.23 17.34 -29.31
N SER B 1 -5.24 -20.34 47.08
CA SER B 1 -5.80 -21.27 48.11
C SER B 1 -7.03 -21.99 47.60
N THR B 2 -7.52 -21.61 46.42
CA THR B 2 -8.70 -22.24 45.85
C THR B 2 -8.28 -22.99 44.59
N HIS B 3 -8.71 -24.24 44.46
CA HIS B 3 -8.27 -25.01 43.31
C HIS B 3 -9.30 -25.13 42.21
N PHE B 4 -8.83 -25.08 40.97
CA PHE B 4 -9.72 -25.21 39.83
C PHE B 4 -9.12 -26.26 38.91
N ASP B 5 -9.90 -26.74 37.96
CA ASP B 5 -9.39 -27.71 37.00
C ASP B 5 -8.54 -26.94 36.01
N VAL B 6 -9.10 -25.83 35.52
CA VAL B 6 -8.43 -24.98 34.54
C VAL B 6 -8.57 -23.50 34.87
N ILE B 7 -7.50 -22.75 34.65
CA ILE B 7 -7.51 -21.31 34.86
C ILE B 7 -7.21 -20.67 33.51
N VAL B 8 -8.05 -19.71 33.13
CA VAL B 8 -7.88 -18.97 31.88
C VAL B 8 -7.49 -17.55 32.29
N VAL B 9 -6.33 -17.11 31.84
CA VAL B 9 -5.87 -15.75 32.15
C VAL B 9 -6.08 -14.91 30.90
N GLY B 10 -7.04 -13.98 30.98
CA GLY B 10 -7.36 -13.15 29.84
C GLY B 10 -8.65 -13.71 29.31
N ALA B 11 -9.77 -13.16 29.78
CA ALA B 11 -11.08 -13.65 29.37
C ALA B 11 -11.71 -12.81 28.26
N GLY B 12 -10.96 -12.65 27.18
CA GLY B 12 -11.47 -11.89 26.05
C GLY B 12 -11.99 -12.81 24.95
N SER B 13 -11.72 -12.43 23.71
CA SER B 13 -12.18 -13.18 22.56
C SER B 13 -11.88 -14.67 22.66
N MET B 14 -10.61 -15.01 22.86
CA MET B 14 -10.20 -16.40 22.92
C MET B 14 -10.47 -17.04 24.27
N GLY B 15 -10.16 -16.31 25.34
CA GLY B 15 -10.37 -16.85 26.67
C GLY B 15 -11.80 -17.18 27.05
N MET B 16 -12.73 -16.29 26.72
CA MET B 16 -14.12 -16.53 27.09
C MET B 16 -14.69 -17.69 26.28
N ALA B 17 -14.27 -17.82 25.04
CA ALA B 17 -14.73 -18.93 24.20
C ALA B 17 -14.22 -20.24 24.84
N ALA B 18 -12.96 -20.25 25.24
CA ALA B 18 -12.38 -21.43 25.89
C ALA B 18 -13.15 -21.75 27.17
N GLY B 19 -13.43 -20.70 27.96
CA GLY B 19 -14.17 -20.88 29.20
C GLY B 19 -15.52 -21.53 28.97
N TYR B 20 -16.22 -21.11 27.91
CA TYR B 20 -17.51 -21.67 27.58
C TYR B 20 -17.37 -23.16 27.20
N GLN B 21 -16.39 -23.46 26.36
CA GLN B 21 -16.15 -24.84 25.93
C GLN B 21 -15.83 -25.74 27.13
N LEU B 22 -15.01 -25.24 28.06
CA LEU B 22 -14.65 -26.02 29.25
C LEU B 22 -15.85 -26.20 30.18
N ALA B 23 -16.50 -25.08 30.51
CA ALA B 23 -17.64 -25.13 31.41
C ALA B 23 -18.74 -26.07 30.89
N LYS B 24 -18.95 -26.06 29.59
CA LYS B 24 -19.98 -26.90 28.98
C LYS B 24 -19.72 -28.38 29.23
N GLN B 25 -18.46 -28.72 29.49
CA GLN B 25 -18.07 -30.11 29.74
C GLN B 25 -17.93 -30.43 31.22
N GLY B 26 -18.39 -29.53 32.07
CA GLY B 26 -18.31 -29.78 33.50
C GLY B 26 -16.93 -29.57 34.10
N VAL B 27 -16.03 -28.93 33.35
CA VAL B 27 -14.69 -28.66 33.84
C VAL B 27 -14.75 -27.42 34.75
N LYS B 28 -14.32 -27.55 36.00
CA LYS B 28 -14.34 -26.43 36.94
C LYS B 28 -13.32 -25.39 36.47
N THR B 29 -13.84 -24.26 35.99
CA THR B 29 -13.01 -23.22 35.42
C THR B 29 -13.04 -21.83 36.07
N LEU B 30 -11.88 -21.20 36.07
CA LEU B 30 -11.71 -19.85 36.61
C LEU B 30 -11.17 -18.99 35.47
N LEU B 31 -11.87 -17.90 35.17
CA LEU B 31 -11.43 -16.97 34.13
C LEU B 31 -11.06 -15.66 34.82
N VAL B 32 -9.83 -15.20 34.59
CA VAL B 32 -9.38 -13.98 35.22
C VAL B 32 -9.11 -12.90 34.18
N ASP B 33 -9.68 -11.71 34.38
CA ASP B 33 -9.49 -10.63 33.45
C ASP B 33 -9.15 -9.32 34.14
N ALA B 34 -8.28 -8.54 33.51
CA ALA B 34 -7.83 -7.25 34.02
C ALA B 34 -8.97 -6.24 34.06
N PHE B 35 -9.99 -6.46 33.24
CA PHE B 35 -11.15 -5.58 33.20
C PHE B 35 -12.44 -6.40 33.36
N ASP B 36 -13.54 -5.98 32.75
CA ASP B 36 -14.81 -6.68 32.88
C ASP B 36 -15.35 -6.90 31.47
N PRO B 37 -15.01 -8.06 30.86
CA PRO B 37 -15.42 -8.40 29.49
C PRO B 37 -16.90 -8.61 29.24
N PRO B 38 -17.41 -8.12 28.09
CA PRO B 38 -16.62 -7.43 27.06
C PRO B 38 -16.37 -5.97 27.49
N HIS B 39 -15.23 -5.42 27.09
CA HIS B 39 -14.89 -4.04 27.44
C HIS B 39 -14.22 -3.32 26.27
N THR B 40 -13.80 -2.08 26.48
CA THR B 40 -13.20 -1.31 25.40
C THR B 40 -11.72 -1.05 25.53
N ASN B 41 -11.04 -1.86 26.34
CA ASN B 41 -9.60 -1.68 26.54
C ASN B 41 -8.76 -2.70 25.81
N GLY B 42 -9.42 -3.68 25.19
CA GLY B 42 -8.70 -4.73 24.49
C GLY B 42 -8.81 -4.67 22.98
N SER B 43 -9.02 -5.84 22.37
CA SER B 43 -9.11 -5.96 20.92
C SER B 43 -10.47 -6.41 20.40
N HIS B 44 -11.50 -6.42 21.25
CA HIS B 44 -12.79 -6.92 20.81
C HIS B 44 -13.96 -5.95 20.69
N HIS B 45 -13.75 -4.67 20.95
CA HIS B 45 -14.86 -3.76 20.85
C HIS B 45 -15.00 -3.13 19.46
N GLY B 46 -15.91 -2.17 19.35
CA GLY B 46 -16.16 -1.55 18.06
C GLY B 46 -17.37 -2.22 17.44
N ASP B 47 -18.04 -3.05 18.25
CA ASP B 47 -19.26 -3.75 17.88
C ASP B 47 -19.23 -4.91 16.89
N THR B 48 -18.58 -4.73 15.74
CA THR B 48 -18.59 -5.74 14.68
C THR B 48 -17.25 -6.25 14.19
N ARG B 49 -17.29 -7.48 13.68
CA ARG B 49 -16.13 -8.16 13.15
C ARG B 49 -16.52 -8.96 11.93
N ILE B 50 -15.69 -8.89 10.90
CA ILE B 50 -15.94 -9.65 9.68
C ILE B 50 -15.48 -11.10 9.83
N ILE B 51 -16.26 -12.02 9.28
CA ILE B 51 -15.81 -13.42 9.23
C ILE B 51 -15.84 -13.76 7.75
N ARG B 52 -14.72 -14.27 7.26
CA ARG B 52 -14.58 -14.68 5.87
C ARG B 52 -14.25 -16.17 5.89
N HIS B 53 -14.51 -16.87 4.79
CA HIS B 53 -14.17 -18.28 4.71
C HIS B 53 -13.02 -18.44 3.73
N ALA B 54 -13.21 -17.99 2.50
CA ALA B 54 -12.12 -18.03 1.50
C ALA B 54 -11.18 -17.01 2.13
N TYR B 55 -9.97 -17.46 2.47
CA TYR B 55 -9.04 -16.62 3.21
C TYR B 55 -7.77 -16.14 2.50
N GLY B 56 -7.74 -14.83 2.21
CA GLY B 56 -6.60 -14.22 1.56
C GLY B 56 -5.28 -14.32 2.31
N GLU B 57 -5.33 -14.41 3.64
CA GLU B 57 -4.09 -14.51 4.42
C GLU B 57 -3.46 -15.88 4.21
N GLY B 58 -4.25 -16.83 3.72
CA GLY B 58 -3.74 -18.17 3.49
C GLY B 58 -4.86 -19.17 3.48
N ARG B 59 -4.89 -20.01 2.44
CA ARG B 59 -5.93 -21.03 2.31
C ARG B 59 -5.95 -22.01 3.48
N GLU B 60 -4.82 -22.17 4.15
CA GLU B 60 -4.72 -23.11 5.28
C GLU B 60 -5.62 -22.75 6.46
N TYR B 61 -6.20 -21.54 6.46
CA TYR B 61 -7.09 -21.10 7.53
C TYR B 61 -8.54 -21.52 7.27
N VAL B 62 -8.85 -21.92 6.04
CA VAL B 62 -10.22 -22.26 5.69
C VAL B 62 -10.93 -23.25 6.63
N PRO B 63 -10.30 -24.39 6.96
CA PRO B 63 -10.96 -25.35 7.85
C PRO B 63 -11.40 -24.72 9.19
N LEU B 64 -10.50 -23.95 9.80
CA LEU B 64 -10.82 -23.33 11.09
C LEU B 64 -11.90 -22.27 10.91
N ALA B 65 -11.89 -21.58 9.76
CA ALA B 65 -12.91 -20.59 9.50
C ALA B 65 -14.30 -21.24 9.38
N LEU B 66 -14.34 -22.38 8.69
CA LEU B 66 -15.61 -23.08 8.51
C LEU B 66 -16.12 -23.68 9.82
N ARG B 67 -15.21 -24.20 10.63
CA ARG B 67 -15.61 -24.76 11.92
C ARG B 67 -16.10 -23.61 12.80
N SER B 68 -15.40 -22.48 12.75
CA SER B 68 -15.80 -21.34 13.56
C SER B 68 -17.18 -20.85 13.15
N GLN B 69 -17.45 -20.82 11.85
CA GLN B 69 -18.76 -20.37 11.37
C GLN B 69 -19.84 -21.31 11.95
N GLU B 70 -19.57 -22.61 11.98
CA GLU B 70 -20.52 -23.61 12.52
C GLU B 70 -20.82 -23.28 13.98
N LEU B 71 -19.76 -22.98 14.73
CA LEU B 71 -19.90 -22.66 16.13
C LEU B 71 -20.63 -21.34 16.36
N TRP B 72 -20.48 -20.38 15.45
CA TRP B 72 -21.19 -19.13 15.62
C TRP B 72 -22.68 -19.40 15.40
N TYR B 73 -23.01 -20.23 14.42
CA TYR B 73 -24.42 -20.56 14.21
C TYR B 73 -24.97 -21.27 15.45
N GLU B 74 -24.13 -22.05 16.12
CA GLU B 74 -24.58 -22.74 17.31
C GLU B 74 -24.83 -21.74 18.42
N LEU B 75 -23.89 -20.80 18.58
CA LEU B 75 -24.04 -19.79 19.62
C LEU B 75 -25.32 -19.00 19.42
N GLU B 76 -25.61 -18.64 18.17
CA GLU B 76 -26.81 -17.87 17.86
C GLU B 76 -28.05 -18.54 18.46
N LYS B 77 -28.13 -19.86 18.31
CA LYS B 77 -29.28 -20.61 18.81
C LYS B 77 -29.35 -20.75 20.32
N GLU B 78 -28.22 -20.54 20.99
CA GLU B 78 -28.14 -20.70 22.43
C GLU B 78 -28.41 -19.46 23.28
N THR B 79 -28.26 -18.27 22.68
CA THR B 79 -28.44 -17.05 23.46
C THR B 79 -29.44 -16.09 22.85
N HIS B 80 -29.92 -15.14 23.65
CA HIS B 80 -30.85 -14.14 23.16
C HIS B 80 -30.05 -12.99 22.49
N HIS B 81 -28.74 -12.95 22.72
CA HIS B 81 -27.90 -11.92 22.10
C HIS B 81 -27.73 -12.18 20.61
N LYS B 82 -27.66 -11.12 19.80
CA LYS B 82 -27.49 -11.28 18.37
C LYS B 82 -26.03 -11.63 18.11
N ILE B 83 -25.80 -12.69 17.34
CA ILE B 83 -24.45 -13.14 17.05
C ILE B 83 -23.91 -12.89 15.63
N PHE B 84 -24.70 -13.23 14.61
CA PHE B 84 -24.23 -13.15 13.24
C PHE B 84 -25.27 -12.69 12.20
N THR B 85 -24.83 -11.84 11.27
CA THR B 85 -25.70 -11.40 10.18
C THR B 85 -24.95 -11.77 8.90
N LYS B 86 -25.63 -12.47 7.99
CA LYS B 86 -25.02 -12.91 6.74
C LYS B 86 -25.00 -11.84 5.65
N THR B 87 -24.13 -10.85 5.81
CA THR B 87 -23.99 -9.74 4.87
C THR B 87 -23.26 -10.19 3.60
N GLY B 88 -22.45 -11.23 3.73
CA GLY B 88 -21.64 -11.66 2.61
C GLY B 88 -20.41 -10.77 2.69
N VAL B 89 -19.31 -11.16 2.08
CA VAL B 89 -18.11 -10.32 2.14
C VAL B 89 -17.50 -10.17 0.77
N LEU B 90 -17.26 -8.93 0.39
CA LEU B 90 -16.68 -8.62 -0.91
C LEU B 90 -15.19 -8.35 -0.77
N VAL B 91 -14.40 -8.99 -1.63
CA VAL B 91 -12.96 -8.78 -1.67
C VAL B 91 -12.62 -8.32 -3.08
N PHE B 92 -11.90 -7.20 -3.19
CA PHE B 92 -11.53 -6.69 -4.49
C PHE B 92 -10.16 -6.01 -4.48
N GLY B 93 -9.63 -5.78 -5.67
CA GLY B 93 -8.33 -5.13 -5.79
C GLY B 93 -7.91 -5.03 -7.24
N PRO B 94 -6.79 -4.37 -7.52
CA PRO B 94 -6.34 -4.24 -8.91
C PRO B 94 -6.03 -5.61 -9.49
N LYS B 95 -6.59 -5.92 -10.65
CA LYS B 95 -6.34 -7.21 -11.30
C LYS B 95 -4.84 -7.47 -11.42
N GLY B 96 -4.41 -8.66 -11.01
CA GLY B 96 -3.01 -9.04 -11.09
C GLY B 96 -2.09 -8.31 -10.14
N GLU B 97 -2.65 -7.51 -9.26
CA GLU B 97 -1.82 -6.76 -8.33
C GLU B 97 -2.15 -6.93 -6.86
N SER B 98 -2.80 -8.03 -6.52
CA SER B 98 -3.14 -8.27 -5.12
C SER B 98 -2.94 -9.73 -4.73
N ALA B 99 -1.94 -9.98 -3.89
CA ALA B 99 -1.69 -11.34 -3.43
C ALA B 99 -2.90 -11.77 -2.59
N PHE B 100 -3.44 -10.83 -1.85
CA PHE B 100 -4.60 -11.08 -0.99
C PHE B 100 -5.79 -11.55 -1.83
N VAL B 101 -6.14 -10.79 -2.86
CA VAL B 101 -7.26 -11.18 -3.72
C VAL B 101 -7.01 -12.53 -4.36
N ALA B 102 -5.80 -12.71 -4.92
CA ALA B 102 -5.44 -13.95 -5.57
C ALA B 102 -5.53 -15.17 -4.66
N GLU B 103 -5.03 -15.05 -3.43
CA GLU B 103 -5.09 -16.18 -2.50
C GLU B 103 -6.54 -16.43 -2.07
N THR B 104 -7.35 -15.37 -1.99
CA THR B 104 -8.75 -15.54 -1.61
C THR B 104 -9.39 -16.41 -2.70
N MET B 105 -9.08 -16.11 -3.95
CA MET B 105 -9.61 -16.87 -5.09
C MET B 105 -9.12 -18.31 -5.10
N GLU B 106 -7.86 -18.52 -4.82
CA GLU B 106 -7.31 -19.87 -4.77
C GLU B 106 -7.91 -20.65 -3.62
N ALA B 107 -8.09 -19.99 -2.48
CA ALA B 107 -8.66 -20.64 -1.31
C ALA B 107 -10.08 -21.11 -1.61
N ALA B 108 -10.86 -20.27 -2.27
CA ALA B 108 -12.23 -20.64 -2.62
C ALA B 108 -12.27 -21.83 -3.57
N LYS B 109 -11.35 -21.85 -4.54
CA LYS B 109 -11.31 -22.96 -5.49
C LYS B 109 -10.87 -24.23 -4.77
N GLU B 110 -9.80 -24.13 -3.98
CA GLU B 110 -9.29 -25.29 -3.28
C GLU B 110 -10.29 -25.96 -2.33
N HIS B 111 -11.13 -25.18 -1.67
CA HIS B 111 -12.10 -25.78 -0.74
C HIS B 111 -13.52 -25.77 -1.28
N SER B 112 -13.64 -25.56 -2.60
CA SER B 112 -14.94 -25.54 -3.27
C SER B 112 -15.97 -24.68 -2.54
N LEU B 113 -15.62 -23.43 -2.25
CA LEU B 113 -16.54 -22.53 -1.56
C LEU B 113 -17.41 -21.86 -2.61
N THR B 114 -18.60 -21.43 -2.20
CA THR B 114 -19.54 -20.74 -3.08
C THR B 114 -19.18 -19.26 -3.16
N VAL B 115 -18.75 -18.79 -4.33
CA VAL B 115 -18.37 -17.39 -4.50
C VAL B 115 -18.78 -16.88 -5.89
N ASP B 116 -18.82 -15.56 -6.04
CA ASP B 116 -19.14 -14.93 -7.33
C ASP B 116 -17.88 -14.18 -7.72
N LEU B 117 -17.50 -14.27 -8.98
CA LEU B 117 -16.32 -13.57 -9.48
C LEU B 117 -16.85 -12.47 -10.40
N LEU B 118 -16.35 -11.26 -10.22
CA LEU B 118 -16.79 -10.16 -11.07
C LEU B 118 -15.67 -9.14 -11.15
N GLU B 119 -15.76 -8.25 -12.14
CA GLU B 119 -14.72 -7.25 -12.30
C GLU B 119 -15.20 -5.97 -12.95
N GLY B 120 -14.39 -4.93 -12.78
CA GLY B 120 -14.71 -3.64 -13.36
C GLY B 120 -16.10 -3.12 -13.02
N ASP B 121 -16.76 -2.60 -14.05
CA ASP B 121 -18.08 -2.01 -13.91
C ASP B 121 -19.12 -2.95 -13.27
N GLU B 122 -18.92 -4.26 -13.37
CA GLU B 122 -19.88 -5.20 -12.78
C GLU B 122 -19.96 -5.02 -11.27
N ILE B 123 -18.84 -4.63 -10.65
CA ILE B 123 -18.82 -4.42 -9.22
C ILE B 123 -19.66 -3.20 -8.89
N ASN B 124 -19.40 -2.10 -9.59
CA ASN B 124 -20.12 -0.86 -9.39
C ASN B 124 -21.62 -1.01 -9.69
N LYS B 125 -21.96 -1.84 -10.66
CA LYS B 125 -23.37 -2.07 -11.01
C LYS B 125 -24.09 -2.90 -9.96
N ARG B 126 -23.46 -3.98 -9.52
CA ARG B 126 -24.10 -4.83 -8.53
C ARG B 126 -24.32 -4.12 -7.19
N TRP B 127 -23.33 -3.34 -6.76
CA TRP B 127 -23.46 -2.62 -5.51
C TRP B 127 -23.36 -1.12 -5.70
N PRO B 128 -24.51 -0.46 -5.97
CA PRO B 128 -24.46 0.99 -6.14
C PRO B 128 -23.79 1.54 -4.89
N GLY B 129 -22.88 2.50 -5.04
CA GLY B 129 -22.21 3.03 -3.86
C GLY B 129 -20.73 2.70 -3.86
N ILE B 130 -20.36 1.69 -4.64
CA ILE B 130 -18.97 1.29 -4.78
C ILE B 130 -18.50 1.80 -6.15
N THR B 131 -17.33 2.42 -6.18
CA THR B 131 -16.78 2.92 -7.44
C THR B 131 -15.32 2.50 -7.55
N VAL B 132 -15.05 1.42 -8.27
CA VAL B 132 -13.69 0.95 -8.46
C VAL B 132 -13.28 1.14 -9.92
N PRO B 133 -11.96 1.27 -10.18
CA PRO B 133 -11.49 1.44 -11.56
C PRO B 133 -11.88 0.18 -12.34
N GLU B 134 -11.88 0.27 -13.67
CA GLU B 134 -12.26 -0.87 -14.49
C GLU B 134 -11.27 -2.05 -14.46
N ASN B 135 -10.04 -1.79 -14.03
CA ASN B 135 -9.02 -2.82 -13.97
C ASN B 135 -9.04 -3.61 -12.65
N TYR B 136 -10.06 -3.37 -11.83
CA TYR B 136 -10.19 -4.09 -10.56
C TYR B 136 -11.03 -5.34 -10.75
N ASN B 137 -10.73 -6.40 -10.01
CA ASN B 137 -11.53 -7.61 -10.08
C ASN B 137 -11.94 -7.93 -8.65
N ALA B 138 -12.88 -8.85 -8.49
CA ALA B 138 -13.35 -9.15 -7.16
C ALA B 138 -13.90 -10.54 -6.98
N ILE B 139 -13.93 -10.98 -5.73
CA ILE B 139 -14.50 -12.26 -5.39
C ILE B 139 -15.47 -11.94 -4.25
N PHE B 140 -16.74 -12.30 -4.42
CA PHE B 140 -17.75 -12.06 -3.41
C PHE B 140 -18.15 -13.39 -2.77
N GLU B 141 -18.21 -13.40 -1.44
CA GLU B 141 -18.57 -14.59 -0.69
C GLU B 141 -19.93 -14.32 -0.02
N PRO B 142 -21.01 -14.85 -0.61
CA PRO B 142 -22.36 -14.65 -0.07
C PRO B 142 -22.70 -15.20 1.30
N ASN B 143 -22.03 -16.27 1.71
CA ASN B 143 -22.38 -16.87 2.99
C ASN B 143 -21.50 -16.49 4.17
N SER B 144 -20.62 -15.52 3.95
CA SER B 144 -19.74 -14.99 4.99
C SER B 144 -20.51 -13.83 5.60
N GLY B 145 -19.93 -13.17 6.60
CA GLY B 145 -20.67 -12.08 7.18
C GLY B 145 -20.05 -11.29 8.30
N VAL B 146 -20.91 -10.84 9.20
CA VAL B 146 -20.52 -10.01 10.31
C VAL B 146 -20.94 -10.57 11.65
N LEU B 147 -19.98 -10.59 12.57
CA LEU B 147 -20.18 -11.07 13.92
C LEU B 147 -20.29 -9.85 14.83
N PHE B 148 -21.14 -9.94 15.84
CA PHE B 148 -21.26 -8.85 16.80
C PHE B 148 -20.41 -9.32 17.98
N SER B 149 -19.12 -9.00 17.88
CA SER B 149 -18.10 -9.42 18.84
C SER B 149 -18.32 -9.20 20.33
N GLU B 150 -18.82 -8.03 20.72
CA GLU B 150 -19.07 -7.83 22.15
C GLU B 150 -20.20 -8.77 22.60
N ASN B 151 -21.17 -8.95 21.73
CA ASN B 151 -22.30 -9.85 22.03
C ASN B 151 -21.83 -11.29 22.18
N CYS B 152 -20.87 -11.69 21.33
CA CYS B 152 -20.33 -13.04 21.35
C CYS B 152 -19.67 -13.31 22.69
N ILE B 153 -18.82 -12.40 23.14
CA ILE B 153 -18.11 -12.59 24.40
C ILE B 153 -19.09 -12.55 25.57
N ARG B 154 -20.07 -11.65 25.48
N ARG B 154 -20.06 -11.64 25.49
CA ARG B 154 -21.06 -11.52 26.53
CA ARG B 154 -21.05 -11.55 26.57
C ARG B 154 -21.86 -12.82 26.63
C ARG B 154 -21.84 -12.86 26.64
N ALA B 155 -22.25 -13.36 25.48
CA ALA B 155 -23.02 -14.63 25.43
C ALA B 155 -22.17 -15.78 25.98
N TYR B 156 -20.94 -15.94 25.48
CA TYR B 156 -20.09 -17.01 25.98
C TYR B 156 -19.91 -16.90 27.49
N ARG B 157 -19.76 -15.67 28.00
CA ARG B 157 -19.58 -15.50 29.43
C ARG B 157 -20.82 -15.91 30.23
N GLU B 158 -21.99 -15.43 29.79
CA GLU B 158 -23.24 -15.76 30.48
C GLU B 158 -23.51 -17.25 30.47
N LEU B 159 -23.22 -17.91 29.35
CA LEU B 159 -23.45 -19.35 29.24
C LEU B 159 -22.45 -20.13 30.10
N ALA B 160 -21.21 -19.66 30.12
CA ALA B 160 -20.17 -20.32 30.90
C ALA B 160 -20.46 -20.18 32.39
N GLU B 161 -20.79 -18.97 32.84
CA GLU B 161 -21.10 -18.78 34.25
C GLU B 161 -22.34 -19.57 34.66
N ALA B 162 -23.34 -19.64 33.78
CA ALA B 162 -24.55 -20.40 34.12
C ALA B 162 -24.17 -21.85 34.40
N ARG B 163 -23.09 -22.32 33.78
CA ARG B 163 -22.63 -23.69 33.98
C ARG B 163 -21.59 -23.87 35.07
N GLY B 164 -21.32 -22.82 35.85
CA GLY B 164 -20.36 -22.95 36.94
C GLY B 164 -19.04 -22.24 36.82
N ALA B 165 -18.69 -21.76 35.63
CA ALA B 165 -17.42 -21.04 35.46
C ALA B 165 -17.44 -19.79 36.32
N LYS B 166 -16.31 -19.49 36.94
CA LYS B 166 -16.17 -18.31 37.77
C LYS B 166 -15.33 -17.31 37.00
N VAL B 167 -15.75 -16.05 37.02
CA VAL B 167 -15.03 -14.99 36.31
C VAL B 167 -14.59 -13.94 37.33
N LEU B 168 -13.27 -13.74 37.42
CA LEU B 168 -12.70 -12.77 38.34
C LEU B 168 -12.29 -11.57 37.51
N THR B 169 -13.01 -10.47 37.69
CA THR B 169 -12.79 -9.25 36.92
C THR B 169 -11.86 -8.22 37.58
N HIS B 170 -11.44 -7.23 36.80
CA HIS B 170 -10.58 -6.16 37.29
C HIS B 170 -9.39 -6.72 38.06
N THR B 171 -8.90 -7.87 37.62
CA THR B 171 -7.79 -8.53 38.29
C THR B 171 -6.70 -8.86 37.29
N ARG B 172 -5.60 -8.15 37.42
CA ARG B 172 -4.47 -8.32 36.54
C ARG B 172 -3.52 -9.39 37.06
N VAL B 173 -3.28 -10.43 36.28
CA VAL B 173 -2.37 -11.47 36.69
C VAL B 173 -1.00 -10.87 36.42
N GLU B 174 -0.11 -10.96 37.40
CA GLU B 174 1.22 -10.37 37.31
C GLU B 174 2.37 -11.36 37.18
N ASP B 175 2.15 -12.60 37.63
CA ASP B 175 3.20 -13.61 37.54
C ASP B 175 2.61 -15.00 37.59
N PHE B 176 3.39 -15.98 37.15
CA PHE B 176 2.96 -17.38 37.11
C PHE B 176 3.99 -18.28 37.78
N ASP B 177 3.51 -19.41 38.30
CA ASP B 177 4.37 -20.40 38.93
C ASP B 177 3.92 -21.73 38.37
N ILE B 178 4.72 -22.27 37.45
CA ILE B 178 4.39 -23.53 36.81
C ILE B 178 5.21 -24.72 37.29
N SER B 179 4.53 -25.79 37.64
N SER B 179 4.52 -25.79 37.64
CA SER B 179 5.20 -27.01 38.09
CA SER B 179 5.16 -27.01 38.11
C SER B 179 4.76 -28.14 37.17
C SER B 179 4.74 -28.16 37.18
N PRO B 180 5.45 -29.29 37.22
CA PRO B 180 5.09 -30.40 36.35
C PRO B 180 3.67 -30.93 36.54
N ASP B 181 3.06 -30.68 37.70
CA ASP B 181 1.72 -31.19 37.97
C ASP B 181 0.68 -30.14 38.36
N SER B 182 1.01 -28.86 38.24
CA SER B 182 0.05 -27.82 38.58
C SER B 182 0.52 -26.46 38.11
N VAL B 183 -0.39 -25.50 38.13
CA VAL B 183 -0.09 -24.14 37.71
C VAL B 183 -0.63 -23.20 38.77
N LYS B 184 -0.02 -22.03 38.90
CA LYS B 184 -0.48 -21.05 39.88
C LYS B 184 -0.30 -19.64 39.40
N ILE B 185 -1.21 -18.79 39.85
CA ILE B 185 -1.17 -17.38 39.51
C ILE B 185 -1.34 -16.59 40.80
N GLU B 186 -0.85 -15.37 40.83
CA GLU B 186 -0.94 -14.52 42.01
C GLU B 186 -1.90 -13.36 41.82
N THR B 187 -2.76 -13.11 42.81
CA THR B 187 -3.68 -11.97 42.73
C THR B 187 -3.95 -11.40 44.11
N ALA B 188 -4.27 -10.11 44.14
CA ALA B 188 -4.54 -9.37 45.37
C ALA B 188 -5.49 -10.04 46.36
N ASN B 189 -6.59 -10.61 45.88
CA ASN B 189 -7.55 -11.24 46.77
C ASN B 189 -7.33 -12.74 47.02
N GLY B 190 -6.20 -13.27 46.56
CA GLY B 190 -5.92 -14.68 46.77
C GLY B 190 -5.19 -15.36 45.64
N SER B 191 -4.49 -16.46 45.95
CA SER B 191 -3.76 -17.18 44.91
C SER B 191 -4.64 -18.24 44.28
N TYR B 192 -4.44 -18.53 43.01
CA TYR B 192 -5.26 -19.58 42.43
C TYR B 192 -4.40 -20.64 41.75
N THR B 193 -4.82 -21.90 41.93
CA THR B 193 -4.13 -23.02 41.35
C THR B 193 -5.08 -23.88 40.53
N ALA B 194 -4.51 -24.67 39.64
CA ALA B 194 -5.30 -25.54 38.78
C ALA B 194 -4.35 -26.56 38.15
N ASP B 195 -4.92 -27.47 37.37
CA ASP B 195 -4.15 -28.49 36.68
C ASP B 195 -3.61 -27.98 35.35
N LYS B 196 -4.38 -27.10 34.73
CA LYS B 196 -4.00 -26.57 33.43
C LYS B 196 -4.18 -25.06 33.37
N LEU B 197 -3.39 -24.42 32.50
CA LEU B 197 -3.45 -22.97 32.34
C LEU B 197 -3.56 -22.58 30.87
N ILE B 198 -4.51 -21.70 30.56
CA ILE B 198 -4.67 -21.18 29.21
C ILE B 198 -4.30 -19.70 29.28
N VAL B 199 -3.35 -19.28 28.45
CA VAL B 199 -2.93 -17.87 28.46
C VAL B 199 -3.39 -17.19 27.17
N SER B 200 -4.24 -16.19 27.31
CA SER B 200 -4.82 -15.47 26.18
C SER B 200 -5.05 -14.02 26.61
N MET B 201 -3.96 -13.28 26.79
CA MET B 201 -4.06 -11.90 27.26
C MET B 201 -4.04 -10.83 26.17
N GLY B 202 -4.31 -11.22 24.93
CA GLY B 202 -4.34 -10.26 23.84
C GLY B 202 -3.09 -9.40 23.73
N ALA B 203 -3.27 -8.08 23.65
CA ALA B 203 -2.13 -7.17 23.51
C ALA B 203 -1.13 -7.28 24.67
N TRP B 204 -1.61 -7.74 25.82
CA TRP B 204 -0.71 -7.85 26.97
C TRP B 204 0.20 -9.08 26.91
N ASN B 205 -0.03 -9.96 25.93
CA ASN B 205 0.84 -11.13 25.77
C ASN B 205 2.24 -10.59 25.48
N SER B 206 2.28 -9.45 24.79
CA SER B 206 3.55 -8.82 24.42
C SER B 206 4.37 -8.34 25.62
N LYS B 207 3.73 -8.22 26.77
CA LYS B 207 4.41 -7.75 27.99
C LYS B 207 4.55 -8.80 29.07
N LEU B 208 3.61 -9.74 29.13
CA LEU B 208 3.65 -10.75 30.19
C LEU B 208 4.09 -12.18 29.86
N LEU B 209 4.31 -12.52 28.59
CA LEU B 209 4.74 -13.88 28.28
C LEU B 209 6.15 -14.14 28.80
N SER B 210 6.90 -13.06 29.04
CA SER B 210 8.26 -13.19 29.56
C SER B 210 8.20 -13.82 30.95
N LYS B 211 7.04 -13.73 31.61
CA LYS B 211 6.86 -14.32 32.94
C LYS B 211 6.75 -15.84 32.84
N LEU B 212 6.67 -16.33 31.61
CA LEU B 212 6.57 -17.76 31.36
C LEU B 212 7.81 -18.22 30.62
N ASN B 213 8.86 -17.42 30.74
CA ASN B 213 10.14 -17.70 30.10
C ASN B 213 10.05 -17.74 28.58
N LEU B 214 9.12 -16.97 28.02
CA LEU B 214 8.98 -16.93 26.57
C LEU B 214 9.47 -15.60 26.03
N ASP B 215 10.17 -15.65 24.91
CA ASP B 215 10.69 -14.46 24.26
C ASP B 215 10.22 -14.51 22.81
N ILE B 216 9.05 -13.96 22.55
CA ILE B 216 8.48 -13.98 21.20
C ILE B 216 8.13 -12.59 20.69
N PRO B 217 8.62 -12.23 19.49
CA PRO B 217 8.30 -10.91 18.96
C PRO B 217 6.79 -10.77 18.77
N LEU B 218 6.20 -9.82 19.49
CA LEU B 218 4.77 -9.53 19.42
C LEU B 218 4.66 -8.01 19.54
N GLN B 219 4.15 -7.37 18.49
CA GLN B 219 4.02 -5.92 18.50
C GLN B 219 2.58 -5.46 18.50
N PRO B 220 2.18 -4.69 19.53
CA PRO B 220 0.82 -4.18 19.63
C PRO B 220 0.70 -2.94 18.76
N TYR B 221 -0.41 -2.83 18.03
CA TYR B 221 -0.68 -1.69 17.17
C TYR B 221 -2.01 -1.02 17.53
N ARG B 222 -2.03 0.30 17.44
CA ARG B 222 -3.25 1.08 17.68
C ARG B 222 -4.00 1.12 16.35
N GLN B 223 -5.21 0.59 16.33
CA GLN B 223 -6.00 0.53 15.10
C GLN B 223 -7.36 1.12 15.33
N VAL B 224 -7.69 2.15 14.55
CA VAL B 224 -8.97 2.82 14.72
C VAL B 224 -9.97 2.48 13.63
N VAL B 225 -11.24 2.73 13.94
CA VAL B 225 -12.35 2.53 13.02
C VAL B 225 -13.28 3.71 13.18
N GLY B 226 -13.97 4.07 12.09
CA GLY B 226 -14.90 5.18 12.13
C GLY B 226 -16.23 4.78 11.52
N PHE B 227 -17.31 5.37 12.04
CA PHE B 227 -18.66 5.13 11.54
C PHE B 227 -19.04 6.46 10.89
N PHE B 228 -19.50 6.39 9.64
CA PHE B 228 -19.84 7.58 8.89
C PHE B 228 -21.29 7.67 8.41
N GLU B 229 -21.87 8.86 8.46
CA GLU B 229 -23.25 9.04 7.99
C GLU B 229 -23.20 8.68 6.51
N SER B 230 -24.08 7.79 6.07
CA SER B 230 -24.07 7.34 4.68
C SER B 230 -25.43 7.37 4.00
N ASP B 231 -25.42 7.21 2.68
CA ASP B 231 -26.63 7.17 1.89
C ASP B 231 -27.22 5.77 2.18
N GLU B 232 -28.23 5.71 3.04
CA GLU B 232 -28.82 4.43 3.42
C GLU B 232 -29.42 3.61 2.28
N SER B 233 -29.83 4.27 1.19
CA SER B 233 -30.40 3.56 0.06
C SER B 233 -29.34 2.76 -0.68
N LYS B 234 -28.08 2.95 -0.32
CA LYS B 234 -26.97 2.23 -0.96
C LYS B 234 -26.12 1.42 0.00
N TYR B 235 -25.83 1.98 1.17
CA TYR B 235 -24.95 1.32 2.12
C TYR B 235 -25.54 0.56 3.29
N SER B 236 -26.86 0.41 3.32
CA SER B 236 -27.50 -0.31 4.41
C SER B 236 -27.42 -1.82 4.23
N ASN B 237 -27.32 -2.53 5.34
CA ASN B 237 -27.33 -3.99 5.29
C ASN B 237 -28.67 -4.40 4.66
N ASP B 238 -29.70 -3.60 4.90
CA ASP B 238 -31.06 -3.87 4.41
C ASP B 238 -31.17 -3.92 2.89
N ILE B 239 -30.27 -3.23 2.19
CA ILE B 239 -30.28 -3.23 0.74
C ILE B 239 -29.08 -4.04 0.23
N ASP B 240 -28.62 -4.94 1.09
CA ASP B 240 -27.52 -5.87 0.81
C ASP B 240 -26.13 -5.33 0.48
N PHE B 241 -25.80 -4.17 1.03
CA PHE B 241 -24.47 -3.67 0.83
C PHE B 241 -23.65 -4.66 1.68
N PRO B 242 -22.56 -5.19 1.13
CA PRO B 242 -21.73 -6.17 1.85
C PRO B 242 -20.66 -5.69 2.81
N GLY B 243 -20.14 -6.64 3.57
CA GLY B 243 -19.03 -6.35 4.44
C GLY B 243 -17.90 -6.43 3.41
N PHE B 244 -16.72 -5.93 3.72
CA PHE B 244 -15.65 -5.99 2.73
C PHE B 244 -14.25 -5.85 3.29
N MET B 245 -13.29 -6.40 2.56
CA MET B 245 -11.89 -6.30 2.90
C MET B 245 -11.27 -6.18 1.52
N VAL B 246 -10.59 -5.07 1.28
CA VAL B 246 -10.05 -4.86 -0.06
C VAL B 246 -8.63 -4.32 -0.06
N GLU B 247 -7.97 -4.46 -1.19
CA GLU B 247 -6.61 -3.94 -1.33
C GLU B 247 -6.52 -2.89 -2.42
N VAL B 248 -5.95 -1.74 -2.05
CA VAL B 248 -5.75 -0.64 -2.99
C VAL B 248 -4.26 -0.33 -2.94
N PRO B 249 -3.75 0.50 -3.86
CA PRO B 249 -2.31 0.81 -3.86
C PRO B 249 -1.65 1.12 -2.52
N ASN B 250 -2.33 1.85 -1.65
N ASN B 250 -2.34 1.84 -1.63
CA ASN B 250 -1.75 2.20 -0.37
CA ASN B 250 -1.77 2.22 -0.34
C ASN B 250 -2.11 1.32 0.82
C ASN B 250 -2.10 1.31 0.83
N GLY B 251 -2.66 0.13 0.55
CA GLY B 251 -2.99 -0.77 1.63
C GLY B 251 -4.33 -1.48 1.61
N ILE B 252 -4.62 -2.15 2.72
CA ILE B 252 -5.87 -2.90 2.85
C ILE B 252 -6.83 -2.19 3.79
N TYR B 253 -8.09 -2.11 3.39
CA TYR B 253 -9.15 -1.51 4.19
C TYR B 253 -10.26 -2.54 4.36
N TYR B 254 -11.05 -2.40 5.41
CA TYR B 254 -12.15 -3.32 5.65
C TYR B 254 -13.30 -2.48 6.16
N GLY B 255 -14.51 -2.95 5.95
CA GLY B 255 -15.67 -2.18 6.37
C GLY B 255 -16.93 -3.00 6.48
N PHE B 256 -17.97 -2.35 6.99
CA PHE B 256 -19.25 -2.97 7.23
C PHE B 256 -20.39 -2.10 6.72
N PRO B 257 -21.50 -2.73 6.31
CA PRO B 257 -22.64 -1.95 5.82
C PRO B 257 -23.28 -1.26 7.04
N SER B 258 -24.11 -0.27 6.81
CA SER B 258 -24.75 0.44 7.91
C SER B 258 -25.84 -0.48 8.47
N PHE B 259 -25.85 -0.67 9.80
CA PHE B 259 -26.85 -1.51 10.44
C PHE B 259 -27.81 -0.60 11.21
N GLY B 260 -29.09 -0.68 10.89
CA GLY B 260 -30.08 0.15 11.58
C GLY B 260 -29.73 1.63 11.48
N GLY B 261 -29.14 2.04 10.35
CA GLY B 261 -28.78 3.44 10.16
C GLY B 261 -27.65 3.98 11.01
N CYS B 262 -26.82 3.12 11.59
CA CYS B 262 -25.73 3.64 12.40
C CYS B 262 -24.53 4.07 11.58
N GLY B 263 -24.59 3.86 10.27
CA GLY B 263 -23.51 4.27 9.37
C GLY B 263 -22.51 3.22 8.94
N LEU B 264 -21.95 3.40 7.75
CA LEU B 264 -20.93 2.49 7.25
C LEU B 264 -19.71 2.62 8.16
N LYS B 265 -19.12 1.49 8.51
CA LYS B 265 -17.94 1.47 9.37
C LYS B 265 -16.73 1.09 8.53
N LEU B 266 -15.62 1.80 8.73
CA LEU B 266 -14.41 1.55 7.95
C LEU B 266 -13.15 1.55 8.81
N GLY B 267 -12.20 0.71 8.42
CA GLY B 267 -10.93 0.64 9.12
C GLY B 267 -9.80 0.46 8.11
N TYR B 268 -8.63 1.05 8.41
CA TYR B 268 -7.43 0.95 7.59
C TYR B 268 -6.61 -0.13 8.30
N HIS B 269 -6.45 -1.26 7.61
CA HIS B 269 -5.80 -2.46 8.15
C HIS B 269 -4.27 -2.53 8.20
N THR B 270 -3.62 -2.09 7.15
CA THR B 270 -2.17 -2.20 7.09
C THR B 270 -1.33 -1.13 7.78
N PHE B 271 -1.99 -0.14 8.36
CA PHE B 271 -1.25 0.91 9.08
C PHE B 271 -1.84 1.11 10.46
N GLY B 272 -0.96 1.32 11.44
CA GLY B 272 -1.39 1.58 12.81
C GLY B 272 -0.19 2.09 13.58
N GLN B 273 -0.39 2.70 14.75
CA GLN B 273 0.75 3.18 15.52
C GLN B 273 1.26 2.08 16.45
N LYS B 274 2.57 1.89 16.49
CA LYS B 274 3.12 0.90 17.41
C LYS B 274 2.88 1.47 18.81
N ILE B 275 2.28 0.69 19.70
CA ILE B 275 2.01 1.20 21.03
C ILE B 275 2.24 0.14 22.10
N ASP B 276 2.02 0.54 23.35
CA ASP B 276 2.12 -0.33 24.50
C ASP B 276 0.68 -0.31 25.00
N PRO B 277 0.07 -1.48 25.25
CA PRO B 277 -1.32 -1.54 25.74
C PRO B 277 -1.65 -0.78 27.01
N ASP B 278 -0.64 -0.46 27.81
CA ASP B 278 -0.90 0.28 29.04
C ASP B 278 -0.78 1.79 28.89
N THR B 279 -0.25 2.26 27.75
CA THR B 279 -0.12 3.70 27.52
C THR B 279 -0.77 4.19 26.22
N ILE B 280 -1.42 3.28 25.51
CA ILE B 280 -2.08 3.63 24.25
C ILE B 280 -3.16 4.71 24.49
N ASN B 281 -3.27 5.65 23.58
CA ASN B 281 -4.30 6.69 23.70
C ASN B 281 -5.52 6.13 22.98
N ARG B 282 -6.58 5.83 23.75
CA ARG B 282 -7.77 5.25 23.18
C ARG B 282 -8.83 6.23 22.70
N GLU B 283 -8.43 7.48 22.49
CA GLU B 283 -9.36 8.48 22.00
C GLU B 283 -9.23 8.61 20.49
N PHE B 284 -10.35 8.46 19.79
CA PHE B 284 -10.33 8.56 18.33
C PHE B 284 -10.21 10.03 17.91
N GLY B 285 -9.33 10.28 16.95
CA GLY B 285 -9.17 11.63 16.45
C GLY B 285 -7.97 12.41 16.95
N VAL B 286 -7.24 11.89 17.94
CA VAL B 286 -6.09 12.62 18.45
C VAL B 286 -4.95 12.66 17.43
N TYR B 287 -4.94 11.72 16.49
CA TYR B 287 -3.94 11.69 15.44
C TYR B 287 -4.72 12.12 14.20
N PRO B 288 -4.15 13.02 13.37
CA PRO B 288 -4.88 13.44 12.17
C PRO B 288 -5.17 12.29 11.21
N GLU B 289 -4.31 11.26 11.22
CA GLU B 289 -4.50 10.11 10.33
C GLU B 289 -5.74 9.30 10.67
N ASP B 290 -6.15 9.33 11.93
CA ASP B 290 -7.32 8.56 12.36
C ASP B 290 -8.48 8.75 11.39
N GLU B 291 -8.85 10.01 11.18
CA GLU B 291 -9.97 10.30 10.28
C GLU B 291 -9.58 10.47 8.81
N SER B 292 -8.45 11.10 8.54
CA SER B 292 -8.06 11.32 7.14
C SER B 292 -7.78 10.05 6.34
N ASN B 293 -7.15 9.06 6.96
CA ASN B 293 -6.87 7.82 6.24
C ASN B 293 -8.17 7.14 5.78
N LEU B 294 -9.21 7.28 6.59
CA LEU B 294 -10.50 6.68 6.25
C LEU B 294 -11.20 7.44 5.11
N ARG B 295 -11.27 8.77 5.21
CA ARG B 295 -11.94 9.54 4.16
C ARG B 295 -11.21 9.48 2.82
N ALA B 296 -9.90 9.24 2.85
CA ALA B 296 -9.13 9.13 1.62
C ALA B 296 -9.66 7.91 0.85
N PHE B 297 -10.00 6.85 1.56
CA PHE B 297 -10.54 5.66 0.92
C PHE B 297 -11.99 5.87 0.47
N LEU B 298 -12.83 6.36 1.39
CA LEU B 298 -14.25 6.58 1.07
C LEU B 298 -14.51 7.53 -0.09
N GLU B 299 -13.86 8.69 -0.10
CA GLU B 299 -14.09 9.65 -1.19
C GLU B 299 -13.76 9.06 -2.55
N GLU B 300 -12.82 8.13 -2.59
CA GLU B 300 -12.43 7.49 -3.83
C GLU B 300 -13.24 6.24 -4.22
N TYR B 301 -13.56 5.38 -3.25
CA TYR B 301 -14.27 4.13 -3.56
C TYR B 301 -15.73 3.96 -3.12
N MET B 302 -16.15 4.72 -2.12
CA MET B 302 -17.52 4.65 -1.59
C MET B 302 -17.89 6.07 -1.21
N PRO B 303 -17.99 6.94 -2.22
CA PRO B 303 -18.30 8.37 -2.06
C PRO B 303 -19.60 8.75 -1.35
N GLY B 304 -20.59 7.86 -1.37
CA GLY B 304 -21.84 8.15 -0.70
C GLY B 304 -21.84 7.80 0.78
N ALA B 305 -20.72 7.27 1.25
CA ALA B 305 -20.56 6.89 2.65
C ALA B 305 -19.46 7.71 3.29
N ASN B 306 -19.34 8.97 2.89
CA ASN B 306 -18.28 9.86 3.40
C ASN B 306 -18.89 11.07 4.07
N GLY B 307 -19.97 10.86 4.82
CA GLY B 307 -20.62 11.95 5.51
C GLY B 307 -20.00 12.25 6.87
N GLU B 308 -20.81 12.83 7.74
CA GLU B 308 -20.32 13.20 9.07
C GLU B 308 -19.86 11.99 9.88
N LEU B 309 -18.82 12.20 10.67
CA LEU B 309 -18.31 11.15 11.53
C LEU B 309 -19.31 10.99 12.67
N LYS B 310 -19.90 9.82 12.79
CA LYS B 310 -20.89 9.56 13.84
C LYS B 310 -20.28 8.93 15.09
N ARG B 311 -19.21 8.17 14.90
CA ARG B 311 -18.58 7.47 16.01
C ARG B 311 -17.19 6.98 15.64
N GLY B 312 -16.32 6.86 16.64
CA GLY B 312 -14.98 6.39 16.42
C GLY B 312 -14.62 5.44 17.55
N ALA B 313 -13.70 4.53 17.30
CA ALA B 313 -13.27 3.59 18.33
C ALA B 313 -11.79 3.33 18.11
N VAL B 314 -11.08 2.95 19.18
CA VAL B 314 -9.65 2.68 19.11
C VAL B 314 -9.46 1.30 19.72
N CYS B 315 -8.79 0.43 18.99
CA CYS B 315 -8.61 -0.92 19.49
C CYS B 315 -7.21 -1.38 19.10
N MET B 316 -6.81 -2.58 19.51
CA MET B 316 -5.45 -3.06 19.24
C MET B 316 -5.26 -4.38 18.51
N TYR B 317 -4.24 -4.46 17.65
CA TYR B 317 -3.88 -5.70 16.97
C TYR B 317 -2.59 -6.11 17.70
N THR B 318 -2.27 -7.40 17.70
CA THR B 318 -1.02 -7.87 18.28
C THR B 318 -0.40 -8.74 17.20
N LYS B 319 0.62 -8.20 16.52
CA LYS B 319 1.23 -8.92 15.42
C LYS B 319 2.46 -9.78 15.70
N THR B 320 2.52 -10.89 14.98
CA THR B 320 3.66 -11.80 15.03
C THR B 320 4.43 -11.40 13.77
N LEU B 321 5.66 -11.86 13.62
CA LEU B 321 6.45 -11.51 12.44
C LEU B 321 5.87 -11.99 11.11
N ASP B 322 5.19 -13.14 11.13
CA ASP B 322 4.62 -13.67 9.89
C ASP B 322 3.11 -13.46 9.81
N GLU B 323 2.58 -12.74 10.80
CA GLU B 323 1.16 -12.43 10.92
C GLU B 323 0.21 -13.62 11.03
N HIS B 324 0.76 -14.76 11.44
CA HIS B 324 -0.04 -15.96 11.66
C HIS B 324 -0.15 -16.10 13.18
N PHE B 325 -1.20 -16.75 13.65
CA PHE B 325 -1.42 -16.86 15.08
C PHE B 325 -0.44 -17.79 15.78
N ILE B 326 -0.54 -17.78 17.11
CA ILE B 326 0.25 -18.68 17.95
C ILE B 326 -0.82 -19.39 18.77
N ILE B 327 -0.95 -20.70 18.56
CA ILE B 327 -1.89 -21.52 19.29
C ILE B 327 -1.14 -22.82 19.49
N ASP B 328 -0.70 -23.07 20.72
CA ASP B 328 0.12 -24.25 20.98
C ASP B 328 0.35 -24.42 22.47
N LEU B 329 0.95 -25.54 22.84
CA LEU B 329 1.29 -25.77 24.23
C LEU B 329 2.61 -25.02 24.45
N HIS B 330 2.85 -24.61 25.69
CA HIS B 330 4.10 -23.94 26.03
C HIS B 330 5.19 -24.98 25.73
N PRO B 331 6.30 -24.57 25.10
CA PRO B 331 7.33 -25.59 24.79
C PRO B 331 7.93 -26.34 25.98
N GLU B 332 7.91 -25.74 27.16
CA GLU B 332 8.48 -26.40 28.35
C GLU B 332 7.41 -26.90 29.32
N HIS B 333 6.14 -26.59 29.05
CA HIS B 333 5.06 -26.99 29.95
C HIS B 333 3.82 -27.44 29.19
N SER B 334 3.61 -28.76 29.14
CA SER B 334 2.47 -29.29 28.42
C SER B 334 1.16 -28.97 29.13
N ASN B 335 1.26 -28.43 30.34
CA ASN B 335 0.04 -28.07 31.09
C ASN B 335 -0.29 -26.58 30.96
N VAL B 336 0.36 -25.91 30.01
CA VAL B 336 0.13 -24.49 29.74
C VAL B 336 -0.15 -24.32 28.24
N VAL B 337 -1.25 -23.65 27.92
CA VAL B 337 -1.64 -23.42 26.54
C VAL B 337 -1.54 -21.93 26.22
N ILE B 338 -0.97 -21.60 25.06
CA ILE B 338 -0.78 -20.20 24.67
C ILE B 338 -1.63 -19.85 23.45
N ALA B 339 -2.33 -18.72 23.52
CA ALA B 339 -3.12 -18.23 22.40
C ALA B 339 -2.70 -16.77 22.25
N ALA B 340 -1.94 -16.46 21.20
CA ALA B 340 -1.45 -15.11 21.04
C ALA B 340 -1.19 -14.69 19.59
N GLY B 341 -0.86 -13.41 19.43
CA GLY B 341 -0.53 -12.84 18.12
C GLY B 341 -1.55 -12.98 17.01
N PHE B 342 -2.81 -12.71 17.30
CA PHE B 342 -3.83 -12.85 16.28
C PHE B 342 -3.73 -11.85 15.14
N SER B 343 -2.74 -10.98 15.26
CA SER B 343 -2.40 -10.03 14.22
C SER B 343 -3.53 -9.33 13.48
N GLY B 344 -4.56 -8.93 14.20
CA GLY B 344 -5.65 -8.20 13.58
C GLY B 344 -6.70 -8.96 12.78
N HIS B 345 -6.66 -10.29 12.76
CA HIS B 345 -7.68 -11.02 11.99
C HIS B 345 -8.16 -12.29 12.69
N GLY B 346 -8.03 -12.31 14.02
CA GLY B 346 -8.43 -13.50 14.74
C GLY B 346 -9.85 -13.60 15.30
N PHE B 347 -10.61 -12.51 15.36
CA PHE B 347 -11.92 -12.67 15.99
C PHE B 347 -12.83 -13.70 15.37
N LYS B 348 -12.88 -13.73 14.04
CA LYS B 348 -13.75 -14.66 13.32
C LYS B 348 -13.49 -16.11 13.71
N PHE B 349 -12.26 -16.40 14.15
CA PHE B 349 -11.87 -17.76 14.54
C PHE B 349 -12.03 -18.03 16.04
N SER B 350 -12.33 -17.01 16.83
CA SER B 350 -12.42 -17.22 18.28
C SER B 350 -13.29 -18.38 18.74
N SER B 351 -14.41 -18.62 18.08
CA SER B 351 -15.25 -19.75 18.45
C SER B 351 -14.44 -21.06 18.22
N GLY B 352 -13.79 -21.16 17.06
CA GLY B 352 -13.00 -22.35 16.79
C GLY B 352 -11.80 -22.48 17.72
N VAL B 353 -11.15 -21.35 17.99
CA VAL B 353 -9.99 -21.33 18.87
C VAL B 353 -10.37 -21.75 20.28
N GLY B 354 -11.56 -21.36 20.72
CA GLY B 354 -12.02 -21.75 22.04
C GLY B 354 -12.08 -23.27 22.12
N GLU B 355 -12.55 -23.88 21.04
CA GLU B 355 -12.63 -25.35 20.99
C GLU B 355 -11.22 -25.95 20.99
N VAL B 356 -10.29 -25.36 20.23
CA VAL B 356 -8.94 -25.88 20.18
C VAL B 356 -8.24 -25.77 21.53
N LEU B 357 -8.42 -24.62 22.19
CA LEU B 357 -7.78 -24.40 23.48
C LEU B 357 -8.30 -25.36 24.53
N SER B 358 -9.60 -25.64 24.47
CA SER B 358 -10.21 -26.57 25.41
C SER B 358 -9.60 -27.97 25.21
N GLN B 359 -9.46 -28.37 23.96
CA GLN B 359 -8.89 -29.68 23.63
C GLN B 359 -7.43 -29.77 24.07
N LEU B 360 -6.65 -28.72 23.80
CA LEU B 360 -5.25 -28.69 24.17
C LEU B 360 -5.06 -28.75 25.69
N ALA B 361 -5.91 -28.02 26.41
CA ALA B 361 -5.81 -28.00 27.87
C ALA B 361 -6.23 -29.34 28.50
N LEU B 362 -7.25 -29.97 27.93
CA LEU B 362 -7.72 -31.24 28.48
C LEU B 362 -6.98 -32.48 28.03
N THR B 363 -6.45 -32.47 26.80
CA THR B 363 -5.79 -33.66 26.28
C THR B 363 -4.37 -33.46 25.75
N GLY B 364 -3.92 -32.22 25.68
CA GLY B 364 -2.58 -31.97 25.17
C GLY B 364 -2.54 -32.08 23.65
N LYS B 365 -3.70 -32.30 23.04
CA LYS B 365 -3.80 -32.40 21.60
C LYS B 365 -5.10 -31.78 21.13
N THR B 366 -5.28 -31.71 19.81
CA THR B 366 -6.51 -31.18 19.24
C THR B 366 -6.79 -31.91 17.94
N GLU B 367 -8.06 -32.01 17.57
CA GLU B 367 -8.40 -32.71 16.33
C GLU B 367 -8.11 -31.82 15.13
N HIS B 368 -8.02 -30.51 15.37
CA HIS B 368 -7.73 -29.55 14.30
C HIS B 368 -6.25 -29.58 13.92
N ASP B 369 -5.96 -29.24 12.67
CA ASP B 369 -4.56 -29.17 12.25
C ASP B 369 -4.16 -27.74 12.59
N ILE B 370 -3.33 -27.58 13.61
CA ILE B 370 -2.89 -26.24 13.99
C ILE B 370 -1.39 -26.03 13.81
N SER B 371 -0.79 -26.85 12.94
CA SER B 371 0.65 -26.75 12.70
C SER B 371 1.09 -25.37 12.22
N ILE B 372 0.26 -24.68 11.44
CA ILE B 372 0.64 -23.36 10.96
C ILE B 372 0.74 -22.32 12.07
N PHE B 373 0.21 -22.67 13.24
CA PHE B 373 0.24 -21.76 14.40
C PHE B 373 1.22 -22.23 15.46
N SER B 374 2.14 -23.13 15.09
CA SER B 374 3.13 -23.66 16.02
C SER B 374 4.00 -22.58 16.67
N ILE B 375 4.20 -22.71 17.98
CA ILE B 375 5.01 -21.75 18.71
C ILE B 375 6.49 -22.00 18.43
N ASN B 376 6.79 -23.12 17.78
CA ASN B 376 8.17 -23.48 17.45
C ASN B 376 8.56 -23.17 15.99
N ARG B 377 7.65 -22.60 15.21
CA ARG B 377 7.99 -22.30 13.82
C ARG B 377 9.06 -21.23 13.73
N PRO B 378 10.01 -21.39 12.79
CA PRO B 378 11.11 -20.43 12.60
C PRO B 378 10.74 -19.00 12.21
N ALA B 379 9.68 -18.84 11.42
CA ALA B 379 9.26 -17.52 10.97
C ALA B 379 8.82 -16.65 12.14
N LEU B 380 8.52 -17.30 13.26
CA LEU B 380 8.07 -16.59 14.46
C LEU B 380 9.25 -15.97 15.21
N LYS B 381 10.40 -16.66 15.19
N LYS B 381 10.39 -16.67 15.19
CA LYS B 381 11.60 -16.24 15.89
CA LYS B 381 11.60 -16.23 15.88
C LYS B 381 11.43 -16.41 17.40
C LYS B 381 11.43 -16.41 17.39
N GLU B 382 10.81 -17.53 17.78
CA GLU B 382 10.55 -17.85 19.19
C GLU B 382 11.81 -18.23 19.98
N SER B 383 11.84 -17.85 21.25
CA SER B 383 12.97 -18.13 22.12
C SER B 383 12.58 -18.16 23.60
N LEU B 384 13.52 -18.60 24.44
CA LEU B 384 13.33 -18.67 25.88
C LEU B 384 14.41 -17.81 26.54
N GLN B 385 14.17 -17.34 27.77
CA GLN B 385 15.16 -16.52 28.47
C GLN B 385 16.22 -17.38 29.15
P PO4 C . 25.68 22.41 -13.76
O1 PO4 C . 26.61 23.15 -12.82
O2 PO4 C . 24.90 23.39 -14.59
O3 PO4 C . 26.50 21.53 -14.67
O4 PO4 C . 24.74 21.57 -12.94
CL CL D . 4.76 12.76 -14.88
PA FAD E . 8.01 18.85 -17.83
O1A FAD E . 9.35 18.38 -17.72
O2A FAD E . 7.23 19.47 -16.70
O5B FAD E . 7.84 19.71 -19.09
C5B FAD E . 6.63 20.40 -19.51
C4B FAD E . 7.04 21.77 -19.90
O4B FAD E . 6.03 22.43 -20.68
C3B FAD E . 7.41 22.72 -18.75
O3B FAD E . 8.72 23.25 -18.89
C2B FAD E . 6.43 23.87 -18.82
O2B FAD E . 6.88 25.17 -18.43
C1B FAD E . 5.83 23.75 -20.26
N9A FAD E . 4.56 24.35 -20.47
C8A FAD E . 3.43 24.09 -19.75
N7A FAD E . 2.39 24.73 -20.18
C5A FAD E . 2.84 25.45 -21.25
C6A FAD E . 2.21 26.35 -22.16
N6A FAD E . 0.90 26.65 -22.08
N1A FAD E . 2.97 26.94 -23.14
C2A FAD E . 4.29 26.65 -23.22
N3A FAD E . 4.97 25.79 -22.39
C4A FAD E . 4.18 25.24 -21.42
N1 FAD E . 10.76 9.72 -13.64
C2 FAD E . 11.73 8.77 -13.78
O2 FAD E . 11.90 8.18 -14.82
N3 FAD E . 12.51 8.51 -12.64
C4 FAD E . 12.38 9.17 -11.37
O4 FAD E . 13.14 8.86 -10.44
C4X FAD E . 11.37 10.15 -11.30
N5 FAD E . 11.25 10.77 -10.08
C5X FAD E . 10.29 11.76 -10.04
C6 FAD E . 10.15 12.49 -8.79
C7 FAD E . 9.25 13.53 -8.69
C7M FAD E . 9.10 14.29 -7.38
C8 FAD E . 8.47 13.88 -9.87
C8M FAD E . 7.66 15.04 -9.94
C9 FAD E . 8.57 13.20 -11.04
C9A FAD E . 9.47 12.13 -11.16
N10 FAD E . 9.62 11.38 -12.38
C10 FAD E . 10.61 10.36 -12.47
C1' FAD E . 8.69 11.61 -13.59
C2' FAD E . 9.35 12.52 -14.63
O2' FAD E . 10.08 13.60 -13.94
C3' FAD E . 8.14 13.11 -15.41
O3' FAD E . 7.40 12.09 -16.02
C4' FAD E . 8.80 14.11 -16.58
O4' FAD E . 9.58 15.10 -16.10
C5' FAD E . 7.63 14.45 -17.44
O5' FAD E . 8.20 15.37 -18.48
P FAD E . 7.32 16.37 -19.34
O1P FAD E . 6.00 15.78 -19.51
O2P FAD E . 8.16 16.88 -20.36
O3P FAD E . 7.00 17.55 -18.17
O5 MTD F . 12.38 4.37 -9.89
O6 MTD F . 11.63 5.38 -11.63
C1 MTD F . 11.80 5.33 -10.39
C2 MTD F . 11.29 6.45 -9.49
TE3 MTD F . 9.76 7.28 -10.62
TE3 MTD F . 9.32 6.05 -9.06
C4 MTD F . 9.17 8.38 -8.99
C4 MTD F . 9.01 8.08 -9.02
TE TE G . 24.77 20.00 0.79
P PO4 H . -18.66 -19.03 1.29
O1 PO4 H . -18.47 -18.37 2.60
O2 PO4 H . -19.67 -18.27 0.49
O3 PO4 H . -17.37 -19.05 0.55
O4 PO4 H . -19.13 -20.42 1.50
P PO4 I . -27.18 -6.76 23.70
O1 PO4 I . -26.42 -6.96 25.00
O2 PO4 I . -27.76 -8.08 23.24
O3 PO4 I . -28.29 -5.77 23.93
O4 PO4 I . -26.23 -6.22 22.66
CL CL J . -5.05 -8.97 17.28
PA FAD K . -8.79 -9.66 23.68
O1A FAD K . -10.08 -9.91 23.07
O2A FAD K . -8.19 -8.30 23.81
O5B FAD K . -8.64 -10.43 24.99
C5B FAD K . -7.49 -10.39 25.88
C4B FAD K . -8.04 -10.24 27.25
O4B FAD K . -7.05 -10.55 28.25
C3B FAD K . -8.62 -8.86 27.59
O3B FAD K . -9.98 -8.94 28.01
C2B FAD K . -7.79 -8.33 28.73
O2B FAD K . -8.46 -7.50 29.70
C1B FAD K . -7.06 -9.60 29.27
N9A FAD K . -5.85 -9.37 30.00
C8A FAD K . -4.77 -8.68 29.56
N7A FAD K . -3.77 -8.68 30.38
C5A FAD K . -4.21 -9.41 31.44
C6A FAD K . -3.61 -9.80 32.69
N6A FAD K . -2.35 -9.44 33.01
N1A FAD K . -4.34 -10.56 33.57
C2A FAD K . -5.60 -10.91 33.25
N3A FAD K . -6.25 -10.59 32.06
C4A FAD K . -5.48 -9.83 31.22
N1 FAD K . -10.75 -9.93 13.44
C2 FAD K . -11.56 -10.57 12.56
O2 FAD K . -11.58 -11.78 12.45
N3 FAD K . -12.41 -9.74 11.79
C4 FAD K . -12.48 -8.32 11.85
O4 FAD K . -13.28 -7.72 11.12
C4X FAD K . -11.61 -7.74 12.78
N5 FAD K . -11.69 -6.35 12.85
C5X FAD K . -10.89 -5.78 13.81
C6 FAD K . -10.97 -4.33 13.95
C7 FAD K . -10.22 -3.69 14.93
C7M FAD K . -10.31 -2.21 15.09
C8 FAD K . -9.39 -4.53 15.80
C8M FAD K . -8.73 -4.03 16.95
C9 FAD K . -9.30 -5.87 15.65
C9A FAD K . -10.03 -6.54 14.66
N10 FAD K . -9.96 -7.97 14.48
C10 FAD K . -10.78 -8.59 13.54
C1' FAD K . -8.94 -8.82 15.28
C2' FAD K . -9.63 -9.53 16.46
O2' FAD K . -10.59 -8.58 17.11
C3' FAD K . -8.43 -9.80 17.44
O3' FAD K . -7.50 -10.65 16.82
C4' FAD K . -9.09 -10.57 18.79
O4' FAD K . -10.04 -9.86 19.43
C5' FAD K . -7.90 -11.04 19.54
O5' FAD K . -8.47 -11.71 20.73
P FAD K . -7.67 -11.94 22.11
O1P FAD K . -6.28 -12.17 21.78
O2P FAD K . -8.50 -12.76 22.93
O3P FAD K . -7.59 -10.37 22.70
O5 MTD L . -11.82 -8.87 6.79
O6 MTD L . -11.35 -10.05 8.53
C1 MTD L . -11.46 -8.96 7.97
C2 MTD L . -11.17 -7.66 8.72
TE3 MTD L . -9.65 -8.20 10.05
TE3 MTD L . -9.23 -7.12 8.30
C4 MTD L . -9.31 -6.20 10.39
C4 MTD L . -9.19 -6.21 10.14
TE TE M . -27.32 5.19 15.35
#